data_6G9V
#
_entry.id   6G9V
#
_cell.length_a   55.195
_cell.length_b   139.839
_cell.length_c   144.615
_cell.angle_alpha   90.00
_cell.angle_beta   90.00
_cell.angle_gamma   90.00
#
_symmetry.space_group_name_H-M   'P 21 21 21'
#
loop_
_entity.id
_entity.type
_entity.pdbx_description
1 polymer 'UDP-N-acetylglucosamine pyrophosphorylase'
2 non-polymer URIDINE-DIPHOSPHATE-N-ACETYLGLUCOSAMINE
3 non-polymer PYROPHOSPHATE
4 non-polymer 'MAGNESIUM ION'
5 water water
#
_entity_poly.entity_id   1
_entity_poly.type   'polypeptide(L)'
_entity_poly.pdbx_seq_one_letter_code
;MAVAIKETVSNFMERFHGHPENLPREPSAEEFQQLRKKYTDAGQGHVFAFVDELQTGERSQLFHQLSSFDPVRINELADK
ALNPPKADDGPASLEPLPDIATASILDSDPKDLEQWYEEGLKLVAGNKVAVVLMAGGQGTRLGSSAPKGCFDIGLPSHKS
LFQIQAERIAKLQLLAQRISGKEAVIPWYVMTSGPTRKPTEEFFEQHKYFGLNKSDVIIFEQGVLPCISNEGKILMESKF
KVAVAPDGNGGIYQALLTSGVREDMRKRGIEHIHTYCVDNCLVKVADPVFIGFAASKQVDIATKVVRKRNATESVGLILQ
KNGKPDVVEYSEIDKETAEAKDPKQPDVLKFRAANIVNHYYSFKFFESIELWAHKLPHHVARKKIPCIKEGTGEFFKPEK
PNGIKLEQFVFDVFPMTPLEKFACIEVRREDEFSPLKNARGTGEDDPDTSKRDIMSQGQRWIEKAGGIVITEGDVVGVEV
SPLISYGGEGLEFLKGREIKAPAFIEKEE
;
_entity_poly.pdbx_strand_id   A,B
#
# COMPACT_ATOMS: atom_id res chain seq x y z
N PRO A 27 -46.31 -11.24 -31.07
CA PRO A 27 -46.19 -10.90 -32.49
C PRO A 27 -46.89 -11.90 -33.40
N SER A 28 -47.37 -11.41 -34.56
CA SER A 28 -47.96 -12.28 -35.57
C SER A 28 -46.88 -13.10 -36.26
N ALA A 29 -47.30 -14.15 -36.99
CA ALA A 29 -46.37 -14.93 -37.79
C ALA A 29 -45.62 -14.04 -38.78
N GLU A 30 -46.34 -13.09 -39.38
CA GLU A 30 -45.74 -12.18 -40.38
C GLU A 30 -44.73 -11.20 -39.77
N GLU A 31 -45.06 -10.64 -38.61
CA GLU A 31 -44.14 -9.76 -37.86
C GLU A 31 -42.88 -10.52 -37.49
N PHE A 32 -43.05 -11.75 -37.02
CA PHE A 32 -41.94 -12.64 -36.70
C PHE A 32 -41.10 -12.91 -37.95
N GLN A 33 -41.77 -13.23 -39.07
CA GLN A 33 -41.10 -13.48 -40.35
C GLN A 33 -40.29 -12.27 -40.82
N GLN A 34 -40.86 -11.07 -40.67
CA GLN A 34 -40.17 -9.84 -41.08
C GLN A 34 -38.89 -9.60 -40.27
N LEU A 35 -38.96 -9.86 -38.96
CA LEU A 35 -37.79 -9.77 -38.10
C LEU A 35 -36.74 -10.81 -38.48
N ARG A 36 -37.18 -12.05 -38.69
CA ARG A 36 -36.29 -13.13 -39.12
C ARG A 36 -35.59 -12.76 -40.44
N LYS A 37 -36.32 -12.13 -41.36
CA LYS A 37 -35.74 -11.71 -42.63
C LYS A 37 -34.66 -10.65 -42.45
N LYS A 38 -34.96 -9.63 -41.65
CA LYS A 38 -33.99 -8.59 -41.30
C LYS A 38 -32.69 -9.20 -40.73
N TYR A 39 -32.83 -10.13 -39.80
CA TYR A 39 -31.66 -10.75 -39.16
C TYR A 39 -30.89 -11.69 -40.09
N THR A 40 -31.63 -12.45 -40.88
CA THR A 40 -31.03 -13.39 -41.84
C THR A 40 -30.22 -12.65 -42.91
N ASP A 41 -30.81 -11.59 -43.47
CA ASP A 41 -30.13 -10.77 -44.48
C ASP A 41 -28.87 -10.10 -43.95
N ALA A 42 -28.82 -9.91 -42.63
CA ALA A 42 -27.65 -9.34 -41.96
C ALA A 42 -26.66 -10.40 -41.48
N GLY A 43 -26.87 -11.66 -41.88
CA GLY A 43 -25.95 -12.74 -41.52
C GLY A 43 -26.08 -13.17 -40.06
N GLN A 44 -27.21 -12.85 -39.45
CA GLN A 44 -27.43 -13.17 -38.05
C GLN A 44 -28.66 -14.06 -37.87
N GLY A 45 -29.03 -14.79 -38.92
CA GLY A 45 -30.25 -15.59 -38.92
C GLY A 45 -30.25 -16.75 -37.93
N HIS A 46 -29.06 -17.16 -37.51
CA HIS A 46 -28.87 -18.28 -36.58
C HIS A 46 -29.53 -18.05 -35.21
N VAL A 47 -29.85 -16.79 -34.89
CA VAL A 47 -30.53 -16.48 -33.61
C VAL A 47 -31.97 -16.99 -33.59
N PHE A 48 -32.45 -17.43 -34.76
CA PHE A 48 -33.79 -18.01 -34.90
C PHE A 48 -33.75 -19.53 -35.04
N ALA A 49 -32.56 -20.12 -34.87
CA ALA A 49 -32.35 -21.55 -35.18
C ALA A 49 -33.24 -22.51 -34.38
N PHE A 50 -33.63 -22.11 -33.18
CA PHE A 50 -34.34 -23.00 -32.27
C PHE A 50 -35.80 -22.63 -32.05
N VAL A 51 -36.35 -21.77 -32.91
CA VAL A 51 -37.67 -21.16 -32.66
C VAL A 51 -38.84 -22.13 -32.44
N ASP A 52 -38.88 -23.22 -33.21
CA ASP A 52 -39.97 -24.18 -33.06
C ASP A 52 -39.73 -25.25 -31.97
N GLU A 53 -38.69 -25.03 -31.16
CA GLU A 53 -38.51 -25.78 -29.91
C GLU A 53 -39.13 -24.99 -28.76
N LEU A 54 -39.49 -23.74 -29.03
CA LEU A 54 -39.84 -22.77 -28.00
C LEU A 54 -41.34 -22.69 -27.69
N GLN A 55 -41.64 -22.41 -26.43
CA GLN A 55 -42.98 -22.07 -25.98
C GLN A 55 -43.41 -20.76 -26.62
N THR A 56 -44.73 -20.55 -26.74
CA THR A 56 -45.27 -19.34 -27.33
C THR A 56 -44.87 -18.06 -26.58
N GLY A 57 -44.64 -18.18 -25.28
CA GLY A 57 -44.15 -17.07 -24.46
C GLY A 57 -42.67 -16.81 -24.67
N GLU A 58 -41.91 -17.90 -24.84
CA GLU A 58 -40.46 -17.83 -25.07
C GLU A 58 -40.11 -17.21 -26.41
N ARG A 59 -40.91 -17.50 -27.43
CA ARG A 59 -40.71 -16.92 -28.77
C ARG A 59 -41.06 -15.42 -28.79
N SER A 60 -42.00 -15.03 -27.95
CA SER A 60 -42.37 -13.62 -27.78
C SER A 60 -41.25 -12.85 -27.09
N GLN A 61 -40.64 -13.46 -26.07
CA GLN A 61 -39.49 -12.88 -25.37
C GLN A 61 -38.33 -12.65 -26.35
N LEU A 62 -38.01 -13.66 -27.14
CA LEU A 62 -36.98 -13.57 -28.17
C LEU A 62 -37.27 -12.48 -29.18
N PHE A 63 -38.52 -12.44 -29.67
CA PHE A 63 -38.95 -11.40 -30.61
C PHE A 63 -38.71 -9.99 -30.06
N HIS A 64 -39.10 -9.78 -28.80
CA HIS A 64 -38.98 -8.44 -28.23
CA HIS A 64 -38.99 -8.47 -28.17
C HIS A 64 -37.53 -8.05 -27.97
N GLN A 65 -36.70 -8.99 -27.51
CA GLN A 65 -35.28 -8.71 -27.33
C GLN A 65 -34.59 -8.40 -28.66
N LEU A 66 -34.85 -9.23 -29.66
CA LEU A 66 -34.24 -9.02 -30.99
C LEU A 66 -34.70 -7.72 -31.65
N SER A 67 -35.94 -7.31 -31.36
CA SER A 67 -36.47 -6.05 -31.89
C SER A 67 -35.75 -4.81 -31.35
N SER A 68 -35.02 -4.96 -30.25
CA SER A 68 -34.32 -3.85 -29.60
C SER A 68 -32.93 -3.59 -30.21
N PHE A 69 -32.44 -4.54 -31.01
CA PHE A 69 -31.16 -4.39 -31.70
C PHE A 69 -31.34 -4.28 -33.21
N ASP A 70 -30.55 -3.41 -33.84
CA ASP A 70 -30.42 -3.42 -35.29
C ASP A 70 -29.19 -4.27 -35.64
N PRO A 71 -29.41 -5.45 -36.24
CA PRO A 71 -28.32 -6.36 -36.59
C PRO A 71 -27.28 -5.73 -37.52
N VAL A 72 -27.73 -4.82 -38.38
CA VAL A 72 -26.83 -4.09 -39.29
C VAL A 72 -25.83 -3.23 -38.50
N ARG A 73 -26.32 -2.45 -37.53
CA ARG A 73 -25.44 -1.66 -36.67
C ARG A 73 -24.50 -2.57 -35.88
N ILE A 74 -25.02 -3.69 -35.38
CA ILE A 74 -24.19 -4.67 -34.70
C ILE A 74 -23.03 -5.10 -35.59
N ASN A 75 -23.32 -5.44 -36.84
CA ASN A 75 -22.28 -5.79 -37.82
C ASN A 75 -21.25 -4.70 -38.02
N GLU A 76 -21.72 -3.45 -38.15
CA GLU A 76 -20.83 -2.31 -38.34
C GLU A 76 -19.89 -2.13 -37.14
N LEU A 77 -20.44 -2.22 -35.93
CA LEU A 77 -19.63 -2.14 -34.71
C LEU A 77 -18.63 -3.28 -34.59
N ALA A 78 -19.09 -4.52 -34.82
CA ALA A 78 -18.21 -5.69 -34.78
C ALA A 78 -17.06 -5.61 -35.80
N ASP A 79 -17.39 -5.21 -37.02
CA ASP A 79 -16.39 -5.12 -38.09
C ASP A 79 -15.32 -4.08 -37.76
N LYS A 80 -15.77 -2.90 -37.31
CA LYS A 80 -14.88 -1.80 -36.94
C LYS A 80 -13.94 -2.19 -35.80
N ALA A 81 -14.45 -3.00 -34.87
CA ALA A 81 -13.65 -3.48 -33.74
C ALA A 81 -12.69 -4.60 -34.10
N LEU A 82 -13.15 -5.53 -34.96
CA LEU A 82 -12.34 -6.68 -35.35
C LEU A 82 -11.36 -6.35 -36.48
N ASN A 83 -11.73 -5.38 -37.32
CA ASN A 83 -10.87 -4.90 -38.40
C ASN A 83 -10.68 -3.39 -38.31
N PRO A 84 -9.82 -2.93 -37.37
CA PRO A 84 -9.67 -1.51 -37.09
C PRO A 84 -8.89 -0.76 -38.17
N PRO A 91 6.28 3.48 -31.82
CA PRO A 91 6.29 3.74 -30.39
C PRO A 91 5.67 5.10 -30.05
N ALA A 92 4.79 5.11 -29.05
CA ALA A 92 4.14 6.34 -28.61
C ALA A 92 5.12 7.25 -27.85
N SER A 93 4.91 8.56 -27.98
CA SER A 93 5.61 9.53 -27.18
C SER A 93 4.88 9.68 -25.85
N LEU A 94 5.58 9.42 -24.75
CA LEU A 94 4.99 9.50 -23.42
C LEU A 94 5.67 10.55 -22.56
N GLU A 95 4.87 11.49 -22.07
CA GLU A 95 5.37 12.52 -21.14
C GLU A 95 4.36 12.69 -20.01
N PRO A 96 4.83 13.09 -18.81
CA PRO A 96 3.84 13.38 -17.77
C PRO A 96 2.98 14.58 -18.16
N LEU A 97 1.78 14.68 -17.59
CA LEU A 97 0.93 15.84 -17.80
C LEU A 97 1.68 17.13 -17.42
N PRO A 98 1.31 18.27 -18.06
CA PRO A 98 1.95 19.54 -17.73
C PRO A 98 1.86 19.87 -16.26
N ASP A 99 2.90 20.49 -15.70
CA ASP A 99 2.95 20.88 -14.29
C ASP A 99 1.76 21.75 -13.88
N ILE A 100 1.33 22.64 -14.78
CA ILE A 100 0.20 23.53 -14.48
C ILE A 100 -1.14 22.82 -14.44
N ALA A 101 -1.18 21.58 -14.94
CA ALA A 101 -2.42 20.79 -14.99
C ALA A 101 -2.55 19.88 -13.79
N THR A 102 -1.51 19.80 -12.97
CA THR A 102 -1.47 18.82 -11.88
C THR A 102 -1.36 19.42 -10.48
N ALA A 103 -1.97 18.71 -9.53
CA ALA A 103 -1.82 19.04 -8.12
C ALA A 103 -1.76 17.74 -7.31
N SER A 104 -1.56 17.87 -6.01
CA SER A 104 -1.40 16.71 -5.14
C SER A 104 -1.79 17.05 -3.71
N ILE A 105 -2.67 16.23 -3.12
CA ILE A 105 -2.96 16.32 -1.68
C ILE A 105 -1.67 16.19 -0.86
N LEU A 106 -0.76 15.34 -1.34
CA LEU A 106 0.51 15.09 -0.66
C LEU A 106 1.45 16.30 -0.75
N ASP A 107 1.59 16.89 -1.95
CA ASP A 107 2.66 17.87 -2.19
C ASP A 107 2.26 19.32 -2.42
N SER A 108 1.00 19.58 -2.74
CA SER A 108 0.55 20.94 -3.01
C SER A 108 0.53 21.78 -1.73
N ASP A 109 0.60 23.10 -1.90
CA ASP A 109 0.53 24.04 -0.79
C ASP A 109 -0.78 23.81 -0.03
N PRO A 110 -0.72 23.58 1.30
CA PRO A 110 -1.92 23.44 2.13
C PRO A 110 -2.94 24.59 1.97
N LYS A 111 -2.47 25.79 1.68
CA LYS A 111 -3.34 26.94 1.42
C LYS A 111 -4.20 26.74 0.17
N ASP A 112 -3.59 26.20 -0.89
CA ASP A 112 -4.30 25.87 -2.11
C ASP A 112 -5.34 24.79 -1.84
N LEU A 113 -4.95 23.74 -1.12
CA LEU A 113 -5.88 22.66 -0.77
C LEU A 113 -7.09 23.17 0.02
N GLU A 114 -6.85 24.09 0.96
CA GLU A 114 -7.95 24.64 1.77
C GLU A 114 -8.87 25.53 0.93
N GLN A 115 -8.29 26.33 0.04
CA GLN A 115 -9.05 27.18 -0.86
C GLN A 115 -9.94 26.33 -1.78
N TRP A 116 -9.36 25.28 -2.36
CA TRP A 116 -10.13 24.38 -3.23
C TRP A 116 -11.26 23.69 -2.46
N TYR A 117 -10.99 23.28 -1.22
CA TYR A 117 -12.04 22.71 -0.38
C TYR A 117 -13.21 23.69 -0.20
N GLU A 118 -12.89 24.93 0.19
CA GLU A 118 -13.92 25.93 0.47
C GLU A 118 -14.73 26.27 -0.79
N GLU A 119 -14.03 26.42 -1.91
CA GLU A 119 -14.66 26.74 -3.19
C GLU A 119 -15.54 25.61 -3.70
N GLY A 120 -15.06 24.37 -3.56
CA GLY A 120 -15.85 23.19 -3.91
C GLY A 120 -17.11 23.08 -3.06
N LEU A 121 -16.98 23.36 -1.76
CA LEU A 121 -18.12 23.28 -0.86
C LEU A 121 -19.15 24.38 -1.15
N LYS A 122 -18.66 25.55 -1.57
CA LYS A 122 -19.53 26.64 -2.03
C LYS A 122 -20.33 26.21 -3.25
N LEU A 123 -19.69 25.47 -4.16
CA LEU A 123 -20.37 24.95 -5.34
C LEU A 123 -21.43 23.92 -4.97
N VAL A 124 -21.13 23.09 -3.98
CA VAL A 124 -22.12 22.14 -3.44
C VAL A 124 -23.30 22.91 -2.85
N ALA A 125 -23.00 23.93 -2.06
CA ALA A 125 -24.02 24.72 -1.38
C ALA A 125 -24.90 25.46 -2.39
N GLY A 126 -24.32 25.75 -3.56
CA GLY A 126 -25.04 26.39 -4.66
C GLY A 126 -25.89 25.45 -5.49
N ASN A 127 -25.94 24.17 -5.09
CA ASN A 127 -26.66 23.13 -5.82
C ASN A 127 -26.12 22.95 -7.24
N LYS A 128 -24.82 23.18 -7.40
CA LYS A 128 -24.19 23.16 -8.72
C LYS A 128 -23.46 21.84 -9.02
N VAL A 129 -23.45 20.93 -8.05
CA VAL A 129 -22.68 19.68 -8.17
C VAL A 129 -23.57 18.45 -8.25
N ALA A 130 -23.27 17.59 -9.22
CA ALA A 130 -23.97 16.29 -9.37
C ALA A 130 -22.96 15.16 -9.34
N VAL A 131 -23.47 13.95 -9.09
CA VAL A 131 -22.64 12.74 -9.11
C VAL A 131 -23.26 11.74 -10.09
N VAL A 132 -22.43 11.18 -10.97
CA VAL A 132 -22.84 10.03 -11.77
C VAL A 132 -22.08 8.79 -11.27
N LEU A 133 -22.84 7.83 -10.76
CA LEU A 133 -22.27 6.60 -10.22
C LEU A 133 -22.27 5.52 -11.29
N MET A 134 -21.10 4.98 -11.59
CA MET A 134 -21.03 3.82 -12.51
C MET A 134 -21.24 2.53 -11.73
N ALA A 135 -22.48 2.03 -11.79
CA ALA A 135 -22.89 0.84 -11.06
C ALA A 135 -23.55 -0.14 -12.04
N GLY A 136 -23.05 -0.12 -13.27
CA GLY A 136 -23.60 -0.94 -14.36
C GLY A 136 -22.70 -2.11 -14.71
N GLY A 137 -21.59 -2.21 -14.00
CA GLY A 137 -20.64 -3.29 -14.17
C GLY A 137 -21.25 -4.57 -13.65
N GLN A 138 -20.87 -5.68 -14.27
CA GLN A 138 -21.38 -7.01 -13.92
C GLN A 138 -20.68 -7.65 -12.78
N GLY A 139 -19.55 -7.09 -12.39
CA GLY A 139 -18.79 -7.64 -11.29
C GLY A 139 -18.46 -9.12 -11.44
N THR A 140 -18.00 -9.51 -12.61
CA THR A 140 -17.72 -10.91 -12.87
C THR A 140 -16.69 -11.53 -11.89
N ARG A 141 -15.65 -10.80 -11.54
CA ARG A 141 -14.66 -11.30 -10.58
C ARG A 141 -15.17 -11.52 -9.16
N LEU A 142 -15.96 -10.62 -8.64
CA LEU A 142 -16.48 -10.73 -7.28
C LEU A 142 -17.45 -11.89 -7.10
N GLY A 143 -18.25 -12.14 -8.13
CA GLY A 143 -19.17 -13.28 -8.21
C GLY A 143 -20.37 -13.28 -7.27
N SER A 144 -20.93 -12.10 -7.00
CA SER A 144 -22.16 -11.99 -6.22
C SER A 144 -23.37 -12.05 -7.14
N SER A 145 -24.52 -12.48 -6.60
CA SER A 145 -25.76 -12.54 -7.36
C SER A 145 -26.51 -11.20 -7.37
N ALA A 146 -26.20 -10.35 -6.40
CA ALA A 146 -26.78 -9.02 -6.28
C ALA A 146 -25.86 -7.97 -6.94
N PRO A 147 -26.39 -6.76 -7.20
CA PRO A 147 -25.52 -5.68 -7.69
C PRO A 147 -24.36 -5.43 -6.73
N LYS A 148 -23.20 -5.06 -7.28
CA LYS A 148 -22.01 -4.84 -6.47
C LYS A 148 -22.23 -3.85 -5.32
N GLY A 149 -22.97 -2.77 -5.59
CA GLY A 149 -23.28 -1.78 -4.57
C GLY A 149 -23.96 -2.31 -3.31
N CYS A 150 -24.68 -3.42 -3.43
CA CYS A 150 -25.38 -4.03 -2.29
C CYS A 150 -24.45 -4.78 -1.35
N PHE A 151 -23.22 -5.04 -1.81
CA PHE A 151 -22.32 -5.92 -1.07
C PHE A 151 -21.97 -5.44 0.33
N ASP A 152 -21.96 -6.40 1.26
CA ASP A 152 -21.65 -6.19 2.67
C ASP A 152 -20.24 -6.71 2.94
N ILE A 153 -19.28 -5.80 3.07
CA ILE A 153 -17.86 -6.14 3.23
C ILE A 153 -17.46 -6.67 4.61
N GLY A 154 -18.41 -6.71 5.54
CA GLY A 154 -18.14 -7.25 6.87
C GLY A 154 -17.94 -6.21 7.96
N LEU A 155 -18.24 -4.95 7.66
CA LEU A 155 -18.18 -3.88 8.66
C LEU A 155 -19.14 -4.17 9.82
N PRO A 156 -18.83 -3.69 11.04
CA PRO A 156 -19.70 -3.89 12.21
C PRO A 156 -21.15 -3.45 12.00
N SER A 157 -21.35 -2.41 11.17
CA SER A 157 -22.69 -1.91 10.84
C SER A 157 -23.41 -2.75 9.78
N HIS A 158 -22.65 -3.58 9.07
CA HIS A 158 -23.13 -4.36 7.93
C HIS A 158 -23.66 -3.52 6.76
N LYS A 159 -23.34 -2.23 6.75
CA LYS A 159 -23.78 -1.34 5.67
C LYS A 159 -23.20 -1.75 4.32
N SER A 160 -24.03 -1.65 3.28
CA SER A 160 -23.63 -1.89 1.90
C SER A 160 -22.78 -0.71 1.37
N LEU A 161 -22.11 -0.92 0.25
CA LEU A 161 -21.38 0.16 -0.45
C LEU A 161 -22.31 1.33 -0.80
N PHE A 162 -23.50 0.99 -1.33
CA PHE A 162 -24.53 1.99 -1.64
C PHE A 162 -24.85 2.86 -0.43
N GLN A 163 -25.07 2.24 0.74
CA GLN A 163 -25.46 3.01 1.92
C GLN A 163 -24.35 3.95 2.38
N ILE A 164 -23.11 3.46 2.37
CA ILE A 164 -21.98 4.25 2.81
C ILE A 164 -21.82 5.48 1.91
N GLN A 165 -21.93 5.26 0.61
CA GLN A 165 -21.80 6.35 -0.36
C GLN A 165 -22.96 7.34 -0.24
N ALA A 166 -24.17 6.83 -0.04
CA ALA A 166 -25.34 7.69 0.19
C ALA A 166 -25.17 8.56 1.42
N GLU A 167 -24.57 8.01 2.47
CA GLU A 167 -24.42 8.75 3.71
C GLU A 167 -23.34 9.80 3.60
N ARG A 168 -22.34 9.54 2.74
CA ARG A 168 -21.35 10.56 2.45
C ARG A 168 -21.98 11.75 1.72
N ILE A 169 -22.91 11.48 0.81
CA ILE A 169 -23.67 12.56 0.16
C ILE A 169 -24.49 13.35 1.19
N ALA A 170 -25.22 12.64 2.04
CA ALA A 170 -26.02 13.26 3.08
C ALA A 170 -25.18 14.17 3.97
N LYS A 171 -24.00 13.68 4.39
CA LYS A 171 -23.14 14.46 5.29
C LYS A 171 -22.60 15.69 4.60
N LEU A 172 -22.15 15.52 3.35
CA LEU A 172 -21.58 16.64 2.62
C LEU A 172 -22.62 17.73 2.38
N GLN A 173 -23.86 17.32 2.10
CA GLN A 173 -24.96 18.28 1.95
C GLN A 173 -25.16 19.09 3.23
N LEU A 174 -25.08 18.41 4.38
CA LEU A 174 -25.20 19.06 5.68
C LEU A 174 -24.04 20.01 5.95
N LEU A 175 -22.82 19.58 5.62
CA LEU A 175 -21.64 20.45 5.73
C LEU A 175 -21.78 21.70 4.86
N ALA A 176 -22.33 21.53 3.66
CA ALA A 176 -22.56 22.67 2.77
C ALA A 176 -23.62 23.64 3.33
N GLN A 177 -24.62 23.09 4.03
CA GLN A 177 -25.69 23.91 4.63
C GLN A 177 -25.16 24.90 5.68
N ARG A 178 -24.01 24.58 6.28
CA ARG A 178 -23.33 25.50 7.19
C ARG A 178 -22.86 26.77 6.47
N ILE A 179 -22.77 26.71 5.13
CA ILE A 179 -22.44 27.88 4.31
C ILE A 179 -23.70 28.65 3.95
N SER A 180 -24.60 27.95 3.25
CA SER A 180 -25.76 28.56 2.63
C SER A 180 -26.85 28.94 3.63
N GLY A 181 -26.95 28.17 4.72
CA GLY A 181 -28.06 28.28 5.65
C GLY A 181 -29.31 27.61 5.09
N LYS A 182 -29.18 26.94 3.94
CA LYS A 182 -30.29 26.27 3.27
C LYS A 182 -29.90 24.84 2.91
N GLU A 183 -30.89 23.99 2.63
CA GLU A 183 -30.61 22.64 2.13
C GLU A 183 -29.72 22.72 0.89
N ALA A 184 -28.78 21.80 0.80
CA ALA A 184 -27.94 21.65 -0.40
C ALA A 184 -28.25 20.28 -0.99
N VAL A 185 -28.23 20.20 -2.31
CA VAL A 185 -28.60 18.98 -3.01
C VAL A 185 -27.55 18.57 -4.03
N ILE A 186 -27.06 17.35 -3.89
CA ILE A 186 -26.20 16.72 -4.88
C ILE A 186 -26.99 15.56 -5.48
N PRO A 187 -27.55 15.74 -6.67
CA PRO A 187 -28.29 14.62 -7.27
C PRO A 187 -27.34 13.46 -7.55
N TRP A 188 -27.84 12.25 -7.32
CA TRP A 188 -27.06 11.04 -7.48
C TRP A 188 -27.68 10.26 -8.63
N TYR A 189 -27.03 10.33 -9.79
CA TYR A 189 -27.47 9.62 -10.97
C TYR A 189 -26.78 8.27 -11.03
N VAL A 190 -27.53 7.22 -10.73
CA VAL A 190 -26.96 5.89 -10.55
C VAL A 190 -27.10 5.12 -11.86
N MET A 191 -25.99 4.96 -12.56
CA MET A 191 -26.00 4.29 -13.86
C MET A 191 -25.89 2.80 -13.68
N THR A 192 -26.84 2.11 -14.27
CA THR A 192 -27.08 0.75 -13.98
C THR A 192 -27.05 0.02 -15.33
N SER A 193 -27.02 -1.30 -15.33
CA SER A 193 -27.16 -2.06 -16.57
C SER A 193 -28.44 -2.87 -16.53
N GLY A 194 -28.82 -3.44 -17.67
CA GLY A 194 -29.94 -4.39 -17.74
C GLY A 194 -29.96 -5.36 -16.56
N PRO A 195 -28.87 -6.14 -16.38
CA PRO A 195 -28.82 -7.09 -15.25
C PRO A 195 -28.71 -6.48 -13.84
N THR A 196 -28.55 -5.15 -13.73
CA THR A 196 -28.46 -4.53 -12.39
C THR A 196 -29.64 -3.62 -12.00
N ARG A 197 -30.41 -3.16 -12.99
CA ARG A 197 -31.44 -2.12 -12.76
C ARG A 197 -32.47 -2.42 -11.67
N LYS A 198 -33.25 -3.48 -11.88
CA LYS A 198 -34.34 -3.82 -10.95
C LYS A 198 -33.88 -4.15 -9.52
N PRO A 199 -32.86 -5.01 -9.37
CA PRO A 199 -32.39 -5.22 -7.98
C PRO A 199 -31.83 -3.95 -7.32
N THR A 200 -31.26 -3.04 -8.11
CA THR A 200 -30.81 -1.75 -7.57
C THR A 200 -31.99 -0.87 -7.14
N GLU A 201 -33.00 -0.78 -8.00
CA GLU A 201 -34.21 -0.01 -7.71
C GLU A 201 -34.89 -0.51 -6.44
N GLU A 202 -35.03 -1.83 -6.32
CA GLU A 202 -35.65 -2.44 -5.14
C GLU A 202 -34.84 -2.23 -3.86
N PHE A 203 -33.52 -2.34 -3.96
CA PHE A 203 -32.63 -2.15 -2.81
C PHE A 203 -32.76 -0.74 -2.23
N PHE A 204 -32.70 0.27 -3.10
CA PHE A 204 -32.88 1.66 -2.66
C PHE A 204 -34.26 1.88 -2.05
N GLU A 205 -35.29 1.36 -2.72
CA GLU A 205 -36.66 1.42 -2.22
C GLU A 205 -36.77 0.82 -0.81
N GLN A 206 -36.22 -0.39 -0.65
CA GLN A 206 -36.23 -1.09 0.64
C GLN A 206 -35.55 -0.32 1.77
N HIS A 207 -34.50 0.44 1.43
CA HIS A 207 -33.76 1.24 2.40
C HIS A 207 -34.18 2.72 2.43
N LYS A 208 -35.38 3.02 1.94
CA LYS A 208 -35.94 4.38 1.94
C LYS A 208 -34.94 5.41 1.41
N TYR A 209 -34.21 5.02 0.36
CA TYR A 209 -33.22 5.87 -0.30
C TYR A 209 -32.18 6.46 0.65
N PHE A 210 -31.93 5.75 1.76
CA PHE A 210 -30.88 6.09 2.72
C PHE A 210 -30.99 7.50 3.30
N GLY A 211 -32.21 8.01 3.43
CA GLY A 211 -32.42 9.36 3.97
C GLY A 211 -32.25 10.49 2.96
N LEU A 212 -31.92 10.15 1.71
CA LEU A 212 -31.89 11.15 0.63
C LEU A 212 -33.30 11.27 0.04
N ASN A 213 -33.64 12.42 -0.53
CA ASN A 213 -34.92 12.55 -1.24
C ASN A 213 -34.95 11.64 -2.45
N LYS A 214 -36.08 10.97 -2.65
CA LYS A 214 -36.25 10.08 -3.78
C LYS A 214 -36.03 10.83 -5.10
N SER A 215 -36.42 12.10 -5.15
CA SER A 215 -36.24 12.93 -6.36
C SER A 215 -34.78 13.22 -6.70
N ASP A 216 -33.89 12.96 -5.75
CA ASP A 216 -32.47 13.26 -5.92
C ASP A 216 -31.61 12.00 -6.08
N VAL A 217 -32.25 10.87 -6.27
CA VAL A 217 -31.58 9.61 -6.56
C VAL A 217 -32.23 9.07 -7.83
N ILE A 218 -31.50 9.15 -8.93
CA ILE A 218 -32.05 8.91 -10.27
C ILE A 218 -31.36 7.68 -10.86
N ILE A 219 -32.06 6.56 -10.90
CA ILE A 219 -31.50 5.33 -11.44
C ILE A 219 -31.79 5.30 -12.93
N PHE A 220 -30.76 5.07 -13.72
CA PHE A 220 -30.91 5.00 -15.18
C PHE A 220 -30.03 3.89 -15.74
N GLU A 221 -30.14 3.67 -17.05
CA GLU A 221 -29.41 2.59 -17.72
C GLU A 221 -28.49 3.08 -18.81
N GLN A 222 -27.36 2.40 -18.95
CA GLN A 222 -26.51 2.55 -20.12
C GLN A 222 -26.97 1.56 -21.17
N GLY A 223 -26.49 1.74 -22.40
CA GLY A 223 -26.81 0.81 -23.49
C GLY A 223 -26.22 -0.56 -23.27
N VAL A 224 -26.79 -1.55 -23.95
CA VAL A 224 -26.17 -2.87 -23.98
C VAL A 224 -25.93 -3.26 -25.42
N LEU A 225 -25.08 -4.28 -25.60
CA LEU A 225 -24.84 -4.85 -26.92
C LEU A 225 -24.87 -6.37 -26.80
N PRO A 226 -25.32 -7.05 -27.86
CA PRO A 226 -25.18 -8.49 -27.87
C PRO A 226 -23.71 -8.89 -27.81
N CYS A 227 -23.41 -9.92 -27.05
CA CYS A 227 -22.09 -10.54 -27.08
C CYS A 227 -21.96 -11.26 -28.41
N ILE A 228 -20.73 -11.34 -28.91
CA ILE A 228 -20.51 -11.88 -30.25
C ILE A 228 -19.41 -12.92 -30.27
N SER A 229 -19.45 -13.79 -31.28
CA SER A 229 -18.40 -14.76 -31.50
C SER A 229 -17.19 -14.08 -32.10
N ASN A 230 -16.10 -14.83 -32.22
CA ASN A 230 -14.88 -14.35 -32.88
C ASN A 230 -15.11 -13.85 -34.30
N GLU A 231 -16.16 -14.37 -34.95
CA GLU A 231 -16.51 -13.99 -36.32
C GLU A 231 -17.62 -12.94 -36.36
N GLY A 232 -18.00 -12.42 -35.19
CA GLY A 232 -18.97 -11.34 -35.09
C GLY A 232 -20.43 -11.79 -35.14
N LYS A 233 -20.68 -13.06 -34.84
CA LYS A 233 -22.05 -13.59 -34.81
C LYS A 233 -22.63 -13.46 -33.40
N ILE A 234 -23.87 -13.01 -33.32
CA ILE A 234 -24.58 -12.85 -32.05
C ILE A 234 -24.65 -14.15 -31.25
N LEU A 235 -24.26 -14.09 -29.98
CA LEU A 235 -24.31 -15.27 -29.11
C LEU A 235 -25.65 -15.43 -28.40
N MET A 236 -26.06 -16.67 -28.22
CA MET A 236 -27.30 -16.99 -27.53
C MET A 236 -27.02 -17.53 -26.13
N GLU A 237 -27.59 -16.88 -25.12
CA GLU A 237 -27.51 -17.36 -23.73
C GLU A 237 -28.37 -18.62 -23.57
N SER A 238 -29.58 -18.58 -24.14
CA SER A 238 -30.46 -19.73 -24.21
C SER A 238 -31.06 -19.79 -25.62
N LYS A 239 -31.93 -20.77 -25.85
CA LYS A 239 -32.56 -20.92 -27.16
C LYS A 239 -33.51 -19.78 -27.51
N PHE A 240 -33.92 -19.01 -26.50
CA PHE A 240 -34.82 -17.89 -26.71
C PHE A 240 -34.28 -16.55 -26.18
N LYS A 241 -33.01 -16.52 -25.79
CA LYS A 241 -32.41 -15.29 -25.23
C LYS A 241 -30.98 -15.02 -25.72
N VAL A 242 -30.77 -13.84 -26.28
CA VAL A 242 -29.46 -13.36 -26.71
C VAL A 242 -28.60 -12.97 -25.50
N ALA A 243 -27.35 -13.43 -25.50
CA ALA A 243 -26.38 -13.02 -24.48
C ALA A 243 -25.98 -11.57 -24.73
N VAL A 244 -26.15 -10.73 -23.70
CA VAL A 244 -25.86 -9.31 -23.81
C VAL A 244 -24.94 -8.84 -22.67
N ALA A 245 -24.34 -7.66 -22.85
CA ALA A 245 -23.44 -7.05 -21.86
C ALA A 245 -23.52 -5.52 -21.97
N PRO A 246 -23.27 -4.80 -20.86
CA PRO A 246 -23.17 -3.34 -20.93
C PRO A 246 -22.11 -2.95 -21.96
N ASP A 247 -22.32 -1.83 -22.63
CA ASP A 247 -21.43 -1.37 -23.70
C ASP A 247 -20.15 -0.66 -23.20
N GLY A 248 -19.70 -1.03 -22.00
CA GLY A 248 -18.49 -0.46 -21.39
C GLY A 248 -18.74 0.83 -20.62
N ASN A 249 -17.83 1.21 -19.73
CA ASN A 249 -18.04 2.44 -18.97
C ASN A 249 -18.02 3.70 -19.84
N GLY A 250 -17.41 3.59 -21.03
CA GLY A 250 -17.48 4.65 -22.03
C GLY A 250 -18.89 4.91 -22.55
N GLY A 251 -19.80 3.95 -22.31
CA GLY A 251 -21.21 4.13 -22.65
C GLY A 251 -21.91 5.20 -21.84
N ILE A 252 -21.25 5.71 -20.79
CA ILE A 252 -21.81 6.77 -19.94
C ILE A 252 -22.27 8.01 -20.72
N TYR A 253 -21.46 8.45 -21.68
CA TYR A 253 -21.72 9.71 -22.37
C TYR A 253 -23.03 9.65 -23.18
N GLN A 254 -23.18 8.60 -23.98
CA GLN A 254 -24.43 8.39 -24.71
C GLN A 254 -25.61 8.22 -23.76
N ALA A 255 -25.40 7.43 -22.70
CA ALA A 255 -26.44 7.16 -21.71
C ALA A 255 -27.00 8.42 -21.07
N LEU A 256 -26.14 9.43 -20.86
CA LEU A 256 -26.55 10.71 -20.28
C LEU A 256 -27.59 11.43 -21.14
N LEU A 257 -27.48 11.24 -22.46
CA LEU A 257 -28.40 11.83 -23.42
C LEU A 257 -29.70 11.02 -23.52
N THR A 258 -29.57 9.75 -23.86
CA THR A 258 -30.69 8.83 -24.08
C THR A 258 -31.63 8.72 -22.87
N SER A 259 -31.05 8.70 -21.67
CA SER A 259 -31.81 8.55 -20.42
C SER A 259 -32.53 9.83 -19.96
N GLY A 260 -32.15 10.97 -20.52
CA GLY A 260 -32.66 12.27 -20.07
C GLY A 260 -31.89 12.86 -18.89
N VAL A 261 -30.80 12.22 -18.49
CA VAL A 261 -30.02 12.72 -17.34
C VAL A 261 -29.41 14.10 -17.59
N ARG A 262 -28.77 14.28 -18.75
CA ARG A 262 -28.18 15.59 -19.06
C ARG A 262 -29.23 16.71 -19.03
N GLU A 263 -30.41 16.44 -19.60
CA GLU A 263 -31.55 17.35 -19.52
C GLU A 263 -31.94 17.66 -18.06
N ASP A 264 -31.98 16.63 -17.21
CA ASP A 264 -32.31 16.82 -15.81
C ASP A 264 -31.27 17.73 -15.15
N MET A 265 -30.00 17.48 -15.46
CA MET A 265 -28.91 18.32 -14.97
C MET A 265 -29.07 19.77 -15.40
N ARG A 266 -29.46 19.98 -16.67
CA ARG A 266 -29.64 21.34 -17.19
CA ARG A 266 -29.64 21.34 -17.19
C ARG A 266 -30.70 22.09 -16.39
N LYS A 267 -31.84 21.43 -16.15
CA LYS A 267 -32.96 22.03 -15.42
C LYS A 267 -32.60 22.36 -13.99
N ARG A 268 -31.74 21.55 -13.39
CA ARG A 268 -31.26 21.79 -12.02
C ARG A 268 -30.21 22.88 -11.95
N GLY A 269 -29.59 23.20 -13.07
CA GLY A 269 -28.50 24.17 -13.11
C GLY A 269 -27.19 23.57 -12.64
N ILE A 270 -27.01 22.26 -12.85
CA ILE A 270 -25.74 21.58 -12.54
C ILE A 270 -24.65 22.15 -13.44
N GLU A 271 -23.48 22.40 -12.84
CA GLU A 271 -22.32 22.90 -13.58
C GLU A 271 -21.08 22.01 -13.45
N HIS A 272 -21.08 21.13 -12.46
CA HIS A 272 -19.93 20.29 -12.15
C HIS A 272 -20.37 18.88 -11.76
N ILE A 273 -19.75 17.89 -12.37
CA ILE A 273 -20.11 16.51 -12.16
C ILE A 273 -18.96 15.58 -11.78
N HIS A 274 -19.19 14.78 -10.75
CA HIS A 274 -18.24 13.82 -10.24
C HIS A 274 -18.71 12.44 -10.65
N THR A 275 -17.81 11.67 -11.24
CA THR A 275 -18.08 10.32 -11.64
C THR A 275 -17.05 9.32 -11.11
N TYR A 276 -17.53 8.18 -10.67
CA TYR A 276 -16.67 7.15 -10.16
C TYR A 276 -17.40 5.85 -10.17
N CYS A 277 -16.63 4.81 -9.94
CA CYS A 277 -17.20 3.36 -9.85
CA CYS A 277 -17.18 3.36 -9.87
C CYS A 277 -17.60 2.81 -8.42
N VAL A 278 -18.82 2.33 -8.37
CA VAL A 278 -19.37 1.91 -7.09
C VAL A 278 -18.42 1.03 -6.26
N ASP A 279 -17.48 0.36 -6.93
CA ASP A 279 -16.59 -0.58 -6.25
C ASP A 279 -15.56 0.07 -5.31
N ASN A 280 -15.36 1.38 -5.46
CA ASN A 280 -14.44 2.07 -4.57
C ASN A 280 -15.09 2.38 -3.21
N CYS A 281 -14.81 1.54 -2.21
CA CYS A 281 -15.46 1.67 -0.90
CA CYS A 281 -15.42 1.63 -0.88
C CYS A 281 -15.05 2.91 -0.12
N LEU A 282 -13.89 3.49 -0.45
CA LEU A 282 -13.41 4.71 0.21
C LEU A 282 -13.74 6.01 -0.54
N VAL A 283 -14.52 5.92 -1.62
CA VAL A 283 -14.75 7.09 -2.48
C VAL A 283 -15.24 8.33 -1.68
N LYS A 284 -14.49 9.42 -1.83
CA LYS A 284 -14.94 10.72 -1.35
C LYS A 284 -15.94 11.26 -2.36
N VAL A 285 -17.21 10.96 -2.15
CA VAL A 285 -18.27 11.31 -3.11
C VAL A 285 -18.41 12.82 -3.19
N ALA A 286 -18.36 13.35 -4.41
CA ALA A 286 -18.48 14.80 -4.68
C ALA A 286 -17.41 15.63 -3.94
N ASP A 287 -16.25 15.01 -3.72
CA ASP A 287 -15.14 15.62 -3.00
C ASP A 287 -14.98 17.12 -3.32
N PRO A 288 -15.22 18.00 -2.31
CA PRO A 288 -15.10 19.44 -2.54
C PRO A 288 -13.72 19.90 -3.04
N VAL A 289 -12.64 19.27 -2.57
CA VAL A 289 -11.30 19.61 -3.04
C VAL A 289 -11.18 19.35 -4.55
N PHE A 290 -11.65 18.18 -4.98
CA PHE A 290 -11.62 17.82 -6.39
C PHE A 290 -12.43 18.82 -7.23
N ILE A 291 -13.66 19.10 -6.80
CA ILE A 291 -14.54 20.03 -7.52
C ILE A 291 -13.90 21.42 -7.57
N GLY A 292 -13.41 21.89 -6.42
CA GLY A 292 -12.79 23.22 -6.34
C GLY A 292 -11.55 23.36 -7.20
N PHE A 293 -10.68 22.34 -7.13
CA PHE A 293 -9.49 22.27 -7.98
C PHE A 293 -9.84 22.38 -9.46
N ALA A 294 -10.68 21.48 -9.94
CA ALA A 294 -11.05 21.48 -11.36
C ALA A 294 -11.73 22.78 -11.79
N ALA A 295 -12.68 23.26 -10.99
CA ALA A 295 -13.41 24.49 -11.30
C ALA A 295 -12.47 25.69 -11.36
N SER A 296 -11.44 25.70 -10.50
CA SER A 296 -10.44 26.78 -10.49
C SER A 296 -9.63 26.81 -11.78
N LYS A 297 -9.45 25.64 -12.40
CA LYS A 297 -8.69 25.55 -13.65
C LYS A 297 -9.59 25.67 -14.87
N GLN A 298 -10.90 25.76 -14.64
CA GLN A 298 -11.91 25.84 -15.71
C GLN A 298 -11.75 24.75 -16.78
N VAL A 299 -11.47 23.52 -16.32
CA VAL A 299 -11.28 22.42 -17.25
C VAL A 299 -12.60 21.78 -17.69
N ASP A 300 -12.55 21.04 -18.79
CA ASP A 300 -13.65 20.21 -19.25
C ASP A 300 -13.64 18.90 -18.49
N ILE A 301 -12.43 18.35 -18.27
CA ILE A 301 -12.27 17.07 -17.58
C ILE A 301 -11.15 17.16 -16.56
N ALA A 302 -11.35 16.55 -15.38
CA ALA A 302 -10.25 16.33 -14.47
C ALA A 302 -10.28 14.89 -13.95
N THR A 303 -9.14 14.44 -13.45
CA THR A 303 -8.98 13.07 -13.01
C THR A 303 -8.31 13.00 -11.65
N LYS A 304 -8.65 11.97 -10.88
CA LYS A 304 -7.94 11.65 -9.65
C LYS A 304 -7.02 10.49 -9.92
N VAL A 305 -5.85 10.53 -9.30
CA VAL A 305 -4.89 9.43 -9.34
C VAL A 305 -4.34 9.18 -7.94
N VAL A 306 -3.80 7.98 -7.72
CA VAL A 306 -3.00 7.71 -6.54
C VAL A 306 -1.51 7.55 -6.93
N ARG A 307 -0.62 7.57 -5.96
CA ARG A 307 0.81 7.51 -6.26
C ARG A 307 1.27 6.09 -6.60
N LYS A 308 1.88 5.96 -7.78
CA LYS A 308 2.65 4.76 -8.09
C LYS A 308 4.00 4.95 -7.41
N ARG A 309 4.37 4.03 -6.51
CA ARG A 309 5.56 4.24 -5.66
C ARG A 309 6.77 3.40 -6.09
N ASN A 310 6.50 2.23 -6.65
CA ASN A 310 7.53 1.36 -7.17
C ASN A 310 7.34 1.13 -8.67
N ALA A 311 8.45 1.24 -9.40
CA ALA A 311 8.44 1.13 -10.86
C ALA A 311 7.69 -0.08 -11.40
N THR A 312 7.74 -1.18 -10.66
CA THR A 312 7.21 -2.46 -11.12
C THR A 312 5.72 -2.63 -10.90
N GLU A 313 5.09 -1.70 -10.18
CA GLU A 313 3.64 -1.75 -9.96
C GLU A 313 2.92 -1.82 -11.29
N SER A 314 1.90 -2.68 -11.37
CA SER A 314 1.15 -2.84 -12.61
C SER A 314 -0.14 -2.02 -12.60
N VAL A 315 0.02 -0.73 -12.91
CA VAL A 315 -1.09 0.22 -12.86
C VAL A 315 -1.14 1.07 -14.11
N GLY A 316 -2.36 1.33 -14.59
CA GLY A 316 -2.58 2.23 -15.72
C GLY A 316 -2.23 3.66 -15.31
N LEU A 317 -1.66 4.42 -16.25
CA LEU A 317 -1.16 5.76 -15.93
C LEU A 317 -1.80 6.86 -16.77
N ILE A 318 -2.11 7.97 -16.11
CA ILE A 318 -2.62 9.14 -16.78
C ILE A 318 -1.42 10.01 -17.11
N LEU A 319 -1.33 10.42 -18.37
CA LEU A 319 -0.15 11.10 -18.89
C LEU A 319 -0.45 11.69 -20.27
N GLN A 320 0.56 12.29 -20.89
CA GLN A 320 0.46 12.68 -22.29
C GLN A 320 0.94 11.53 -23.13
N LYS A 321 0.05 11.00 -23.97
CA LYS A 321 0.43 10.02 -24.98
C LYS A 321 0.29 10.72 -26.32
N ASN A 322 1.39 10.80 -27.04
CA ASN A 322 1.42 11.55 -28.31
C ASN A 322 0.86 12.96 -28.17
N GLY A 323 1.18 13.60 -27.03
CA GLY A 323 0.83 15.00 -26.77
C GLY A 323 -0.62 15.23 -26.36
N LYS A 324 -1.34 14.16 -26.09
CA LYS A 324 -2.76 14.25 -25.73
C LYS A 324 -3.01 13.56 -24.38
N PRO A 325 -3.89 14.14 -23.53
CA PRO A 325 -4.15 13.45 -22.26
C PRO A 325 -4.69 12.06 -22.54
N ASP A 326 -4.27 11.06 -21.79
CA ASP A 326 -4.68 9.68 -22.06
C ASP A 326 -4.40 8.80 -20.86
N VAL A 327 -4.97 7.59 -20.84
CA VAL A 327 -4.63 6.55 -19.88
C VAL A 327 -3.97 5.40 -20.64
N VAL A 328 -2.74 5.08 -20.25
CA VAL A 328 -1.95 4.06 -20.93
C VAL A 328 -1.84 2.84 -20.03
N GLU A 329 -2.14 1.66 -20.60
CA GLU A 329 -2.00 0.39 -19.88
C GLU A 329 -0.55 0.20 -19.46
N TYR A 330 -0.34 -0.42 -18.30
CA TYR A 330 1.00 -0.62 -17.78
C TYR A 330 1.89 -1.44 -18.71
N SER A 331 1.28 -2.28 -19.53
CA SER A 331 2.00 -3.15 -20.48
C SER A 331 2.69 -2.34 -21.57
N GLU A 332 2.21 -1.12 -21.77
CA GLU A 332 2.74 -0.24 -22.80
C GLU A 332 3.82 0.70 -22.26
N ILE A 333 4.13 0.54 -20.97
CA ILE A 333 5.20 1.27 -20.30
C ILE A 333 6.43 0.37 -20.23
N ASP A 334 7.52 0.79 -20.87
CA ASP A 334 8.76 -0.01 -20.83
C ASP A 334 9.58 0.19 -19.56
N LYS A 335 10.62 -0.62 -19.39
CA LYS A 335 11.44 -0.62 -18.19
C LYS A 335 12.05 0.76 -17.88
N GLU A 336 12.60 1.41 -18.90
CA GLU A 336 13.25 2.72 -18.75
C GLU A 336 12.28 3.81 -18.35
N THR A 337 11.09 3.79 -18.97
CA THR A 337 10.03 4.75 -18.68
C THR A 337 9.51 4.55 -17.25
N ALA A 338 9.24 3.29 -16.89
CA ALA A 338 8.71 2.93 -15.57
C ALA A 338 9.66 3.30 -14.43
N GLU A 339 10.97 3.19 -14.67
CA GLU A 339 11.97 3.43 -13.63
C GLU A 339 12.43 4.89 -13.54
N ALA A 340 12.13 5.68 -14.57
CA ALA A 340 12.54 7.08 -14.61
C ALA A 340 12.13 7.83 -13.35
N LYS A 341 13.06 8.58 -12.78
CA LYS A 341 12.79 9.36 -11.58
C LYS A 341 12.43 10.79 -11.96
N ASP A 342 11.59 11.42 -11.15
CA ASP A 342 11.19 12.81 -11.37
C ASP A 342 12.40 13.71 -11.11
N PRO A 343 12.84 14.46 -12.14
CA PRO A 343 14.00 15.35 -11.95
C PRO A 343 13.82 16.33 -10.80
N LYS A 344 12.62 16.90 -10.69
CA LYS A 344 12.31 17.88 -9.64
C LYS A 344 12.12 17.26 -8.26
N GLN A 345 11.89 15.95 -8.23
CA GLN A 345 11.70 15.22 -6.96
C GLN A 345 12.24 13.78 -7.08
N PRO A 346 13.58 13.62 -6.96
CA PRO A 346 14.31 12.40 -7.33
C PRO A 346 13.92 11.14 -6.54
N ASP A 347 13.28 11.33 -5.40
CA ASP A 347 12.76 10.23 -4.59
C ASP A 347 11.48 9.62 -5.16
N VAL A 348 10.94 10.26 -6.20
CA VAL A 348 9.63 9.93 -6.74
C VAL A 348 9.73 9.57 -8.24
N LEU A 349 8.88 8.65 -8.69
CA LEU A 349 8.85 8.25 -10.10
C LEU A 349 8.32 9.36 -11.00
N LYS A 350 8.92 9.46 -12.18
CA LYS A 350 8.52 10.46 -13.17
C LYS A 350 7.08 10.17 -13.61
N PHE A 351 6.80 8.92 -13.94
CA PHE A 351 5.47 8.46 -14.32
C PHE A 351 4.82 7.73 -13.15
N ARG A 352 3.89 8.41 -12.48
CA ARG A 352 3.39 7.94 -11.20
C ARG A 352 1.89 8.17 -10.99
N ALA A 353 1.20 8.67 -12.02
CA ALA A 353 -0.21 9.03 -11.89
C ALA A 353 -1.11 7.80 -12.14
N ALA A 354 -1.27 6.97 -11.10
CA ALA A 354 -2.06 5.74 -11.23
C ALA A 354 -3.55 6.01 -11.27
N ASN A 355 -4.19 5.64 -12.38
CA ASN A 355 -5.61 5.88 -12.62
C ASN A 355 -6.50 5.16 -11.60
N ILE A 356 -7.45 5.90 -11.00
CA ILE A 356 -8.44 5.28 -10.11
C ILE A 356 -9.88 5.44 -10.59
N VAL A 357 -10.04 5.72 -11.88
CA VAL A 357 -11.36 5.86 -12.54
C VAL A 357 -12.29 6.79 -11.74
N ASN A 358 -11.84 8.02 -11.61
CA ASN A 358 -12.48 8.98 -10.72
C ASN A 358 -12.33 10.33 -11.42
N HIS A 359 -13.43 10.83 -11.97
CA HIS A 359 -13.37 11.94 -12.92
C HIS A 359 -14.29 13.10 -12.58
N TYR A 360 -13.90 14.27 -13.08
CA TYR A 360 -14.70 15.48 -13.01
C TYR A 360 -15.04 15.87 -14.45
N TYR A 361 -16.27 16.35 -14.65
CA TYR A 361 -16.67 16.95 -15.92
C TYR A 361 -17.38 18.25 -15.65
N SER A 362 -17.17 19.23 -16.53
CA SER A 362 -18.02 20.42 -16.53
C SER A 362 -19.33 20.10 -17.26
N PHE A 363 -20.38 20.83 -16.93
CA PHE A 363 -21.63 20.65 -17.66
C PHE A 363 -21.46 21.05 -19.14
N LYS A 364 -20.66 22.09 -19.38
CA LYS A 364 -20.33 22.51 -20.74
C LYS A 364 -19.77 21.36 -21.58
N PHE A 365 -18.91 20.55 -20.95
CA PHE A 365 -18.37 19.37 -21.63
C PHE A 365 -19.47 18.39 -22.02
N PHE A 366 -20.43 18.14 -21.12
CA PHE A 366 -21.56 17.26 -21.41
C PHE A 366 -22.43 17.78 -22.56
N GLU A 367 -22.51 19.10 -22.68
CA GLU A 367 -23.27 19.72 -23.78
C GLU A 367 -22.71 19.33 -25.15
N SER A 368 -21.41 19.00 -25.18
CA SER A 368 -20.71 18.68 -26.43
C SER A 368 -20.81 17.20 -26.87
N ILE A 369 -21.45 16.36 -26.06
CA ILE A 369 -21.45 14.91 -26.28
C ILE A 369 -21.85 14.50 -27.71
N GLU A 370 -22.83 15.18 -28.31
CA GLU A 370 -23.27 14.87 -29.68
C GLU A 370 -22.16 14.94 -30.72
N LEU A 371 -21.18 15.82 -30.50
CA LEU A 371 -20.12 16.05 -31.48
C LEU A 371 -19.12 14.89 -31.59
N TRP A 372 -18.96 14.13 -30.52
CA TRP A 372 -17.85 13.17 -30.47
C TRP A 372 -18.21 11.75 -29.96
N ALA A 373 -19.42 11.58 -29.44
CA ALA A 373 -19.85 10.28 -28.88
C ALA A 373 -19.72 9.13 -29.88
N HIS A 374 -20.06 9.40 -31.14
CA HIS A 374 -19.94 8.41 -32.21
C HIS A 374 -18.48 8.07 -32.54
N LYS A 375 -17.57 8.95 -32.11
CA LYS A 375 -16.14 8.79 -32.38
C LYS A 375 -15.45 7.84 -31.38
N LEU A 376 -16.16 7.49 -30.31
CA LEU A 376 -15.63 6.57 -29.31
C LEU A 376 -15.59 5.14 -29.85
N PRO A 377 -14.39 4.53 -29.91
CA PRO A 377 -14.29 3.19 -30.48
C PRO A 377 -14.83 2.11 -29.54
N HIS A 378 -15.22 0.98 -30.12
CA HIS A 378 -15.55 -0.20 -29.34
C HIS A 378 -14.34 -1.12 -29.31
N HIS A 379 -13.95 -1.51 -28.10
CA HIS A 379 -12.82 -2.39 -27.90
C HIS A 379 -13.28 -3.83 -27.74
N VAL A 380 -12.44 -4.75 -28.17
CA VAL A 380 -12.71 -6.16 -28.02
C VAL A 380 -12.27 -6.62 -26.64
N ALA A 381 -13.23 -7.07 -25.82
CA ALA A 381 -12.92 -7.72 -24.56
C ALA A 381 -13.21 -9.21 -24.69
N ARG A 382 -12.14 -10.01 -24.73
CA ARG A 382 -12.27 -11.45 -24.93
C ARG A 382 -12.59 -12.13 -23.61
N LYS A 383 -13.74 -12.80 -23.57
CA LYS A 383 -14.25 -13.37 -22.33
C LYS A 383 -14.78 -14.78 -22.52
N LYS A 384 -15.02 -15.46 -21.43
CA LYS A 384 -15.58 -16.78 -21.51
C LYS A 384 -17.06 -16.48 -21.31
N ILE A 385 -17.85 -16.73 -22.34
CA ILE A 385 -19.27 -16.49 -22.29
C ILE A 385 -20.04 -17.77 -22.57
N PRO A 386 -20.73 -18.30 -21.58
CA PRO A 386 -21.56 -19.49 -21.72
C PRO A 386 -22.72 -19.18 -22.70
N CYS A 387 -23.00 -20.13 -23.60
CA CYS A 387 -23.98 -19.91 -24.64
C CYS A 387 -24.38 -21.24 -25.27
N ILE A 388 -25.32 -21.19 -26.18
CA ILE A 388 -25.82 -22.37 -26.89
C ILE A 388 -25.03 -22.58 -28.18
N PRO A 401 -11.38 -18.14 -23.41
CA PRO A 401 -12.38 -17.24 -23.98
C PRO A 401 -12.90 -17.68 -25.33
N ASN A 402 -14.21 -17.61 -25.48
CA ASN A 402 -14.86 -18.03 -26.68
C ASN A 402 -15.61 -16.91 -27.37
N GLY A 403 -15.88 -15.86 -26.63
CA GLY A 403 -16.66 -14.75 -27.18
C GLY A 403 -16.04 -13.40 -26.95
N ILE A 404 -16.78 -12.36 -27.33
CA ILE A 404 -16.32 -10.98 -27.26
C ILE A 404 -17.44 -10.09 -26.70
N LYS A 405 -17.07 -9.17 -25.81
CA LYS A 405 -17.96 -8.08 -25.41
C LYS A 405 -17.40 -6.78 -25.99
N LEU A 406 -18.23 -6.04 -26.71
CA LEU A 406 -17.79 -4.78 -27.32
C LEU A 406 -17.98 -3.64 -26.31
N GLU A 407 -16.88 -2.97 -25.99
CA GLU A 407 -16.87 -1.98 -24.90
C GLU A 407 -16.25 -0.64 -25.28
N GLN A 408 -16.97 0.43 -24.98
CA GLN A 408 -16.41 1.76 -25.04
C GLN A 408 -15.71 2.06 -23.73
N PHE A 409 -14.64 2.86 -23.79
CA PHE A 409 -13.84 3.20 -22.61
C PHE A 409 -14.06 4.65 -22.21
N VAL A 410 -14.30 4.87 -20.91
CA VAL A 410 -14.61 6.19 -20.38
C VAL A 410 -13.51 7.23 -20.68
N PHE A 411 -12.26 6.76 -20.70
CA PHE A 411 -11.12 7.65 -20.92
C PHE A 411 -10.79 7.90 -22.39
N ASP A 412 -11.52 7.27 -23.32
CA ASP A 412 -11.21 7.45 -24.75
C ASP A 412 -11.51 8.86 -25.28
N VAL A 413 -12.25 9.64 -24.49
CA VAL A 413 -12.48 11.05 -24.82
C VAL A 413 -11.31 11.95 -24.35
N PHE A 414 -10.46 11.42 -23.48
CA PHE A 414 -9.32 12.19 -22.96
C PHE A 414 -8.43 12.73 -24.10
N PRO A 415 -7.95 11.86 -25.01
CA PRO A 415 -7.08 12.39 -26.07
C PRO A 415 -7.78 13.35 -27.05
N MET A 416 -9.10 13.37 -27.02
CA MET A 416 -9.88 14.32 -27.83
C MET A 416 -9.96 15.69 -27.16
N THR A 417 -9.53 15.77 -25.90
CA THR A 417 -9.65 16.98 -25.09
C THR A 417 -8.35 17.81 -25.12
N PRO A 418 -8.46 19.12 -25.40
CA PRO A 418 -7.29 20.00 -25.38
C PRO A 418 -6.55 19.91 -24.04
N LEU A 419 -5.22 19.90 -24.11
CA LEU A 419 -4.38 19.79 -22.93
C LEU A 419 -4.73 20.83 -21.87
N GLU A 420 -5.03 22.06 -22.31
CA GLU A 420 -5.34 23.15 -21.39
C GLU A 420 -6.74 22.98 -20.76
N LYS A 421 -7.51 22.01 -21.26
CA LYS A 421 -8.86 21.72 -20.72
C LYS A 421 -8.88 20.43 -19.89
N PHE A 422 -7.70 19.98 -19.46
CA PHE A 422 -7.55 18.73 -18.71
C PHE A 422 -6.71 18.96 -17.46
N ALA A 423 -7.11 18.36 -16.35
CA ALA A 423 -6.36 18.51 -15.09
C ALA A 423 -6.33 17.19 -14.34
N CYS A 424 -5.40 17.05 -13.41
CA CYS A 424 -5.21 15.79 -12.69
C CYS A 424 -4.74 16.07 -11.27
N ILE A 425 -5.36 15.43 -10.29
CA ILE A 425 -4.95 15.61 -8.89
C ILE A 425 -4.62 14.28 -8.24
N GLU A 426 -3.44 14.23 -7.61
CA GLU A 426 -2.98 13.06 -6.88
C GLU A 426 -3.53 13.09 -5.46
N VAL A 427 -4.11 11.97 -5.02
CA VAL A 427 -4.71 11.88 -3.70
C VAL A 427 -4.08 10.75 -2.89
N ARG A 428 -4.40 10.71 -1.60
CA ARG A 428 -3.88 9.66 -0.71
C ARG A 428 -4.71 8.38 -0.82
N ARG A 429 -4.08 7.30 -1.30
CA ARG A 429 -4.77 6.02 -1.49
C ARG A 429 -5.55 5.57 -0.26
N GLU A 430 -4.90 5.64 0.89
CA GLU A 430 -5.44 5.13 2.15
C GLU A 430 -6.66 5.94 2.63
N ASP A 431 -6.87 7.12 2.03
CA ASP A 431 -8.07 7.91 2.32
C ASP A 431 -9.11 7.86 1.23
N GLU A 432 -8.73 7.40 0.03
CA GLU A 432 -9.53 7.67 -1.15
C GLU A 432 -9.81 6.51 -2.09
N PHE A 433 -9.07 5.42 -1.99
CA PHE A 433 -9.18 4.36 -2.99
C PHE A 433 -9.01 2.98 -2.40
N SER A 434 -10.11 2.23 -2.35
CA SER A 434 -10.08 0.86 -1.87
C SER A 434 -11.11 0.04 -2.66
N PRO A 435 -10.70 -0.50 -3.82
CA PRO A 435 -11.67 -1.14 -4.70
C PRO A 435 -12.07 -2.54 -4.26
N LEU A 436 -13.35 -2.84 -4.36
CA LEU A 436 -13.87 -4.18 -4.14
C LEU A 436 -13.96 -4.90 -5.48
N LYS A 437 -12.98 -5.76 -5.75
CA LYS A 437 -12.86 -6.46 -7.04
C LYS A 437 -13.01 -7.98 -6.92
N ASN A 438 -12.39 -8.56 -5.90
CA ASN A 438 -12.28 -10.02 -5.79
C ASN A 438 -12.98 -10.60 -4.56
N ALA A 439 -13.35 -11.87 -4.64
CA ALA A 439 -14.00 -12.58 -3.53
C ALA A 439 -13.04 -12.72 -2.36
N ARG A 440 -13.59 -12.96 -1.17
CA ARG A 440 -12.78 -13.25 0.02
C ARG A 440 -11.78 -14.37 -0.26
N GLY A 441 -10.63 -14.31 0.42
CA GLY A 441 -9.58 -15.29 0.23
C GLY A 441 -8.69 -15.02 -0.98
N THR A 442 -8.68 -13.77 -1.43
CA THR A 442 -7.78 -13.35 -2.50
C THR A 442 -6.56 -12.67 -1.89
N GLY A 443 -6.80 -11.73 -0.98
CA GLY A 443 -5.72 -10.98 -0.33
C GLY A 443 -5.43 -9.63 -0.97
N GLU A 444 -6.12 -9.35 -2.08
CA GLU A 444 -5.96 -8.08 -2.82
C GLU A 444 -7.33 -7.59 -3.30
N ASP A 445 -7.61 -6.32 -3.02
CA ASP A 445 -8.84 -5.66 -3.50
C ASP A 445 -10.09 -6.51 -3.23
N ASP A 446 -10.24 -6.94 -2.00
CA ASP A 446 -11.35 -7.82 -1.62
C ASP A 446 -12.13 -7.25 -0.43
N PRO A 447 -13.18 -7.97 0.04
CA PRO A 447 -13.92 -7.48 1.21
C PRO A 447 -13.05 -7.17 2.42
N ASP A 448 -12.01 -7.99 2.63
CA ASP A 448 -11.14 -7.83 3.80
C ASP A 448 -10.21 -6.62 3.70
N THR A 449 -9.66 -6.37 2.52
CA THR A 449 -8.83 -5.17 2.32
C THR A 449 -9.69 -3.90 2.40
N SER A 450 -10.90 -3.98 1.86
CA SER A 450 -11.87 -2.88 1.92
C SER A 450 -12.25 -2.57 3.36
N LYS A 451 -12.61 -3.62 4.10
CA LYS A 451 -12.98 -3.47 5.50
C LYS A 451 -11.83 -2.85 6.29
N ARG A 452 -10.62 -3.38 6.10
CA ARG A 452 -9.43 -2.88 6.79
C ARG A 452 -9.15 -1.42 6.47
N ASP A 453 -9.29 -1.03 5.20
CA ASP A 453 -9.06 0.36 4.81
C ASP A 453 -10.04 1.32 5.50
N ILE A 454 -11.32 0.97 5.53
CA ILE A 454 -12.33 1.83 6.16
C ILE A 454 -12.12 1.93 7.67
N MET A 455 -11.85 0.78 8.31
CA MET A 455 -11.72 0.77 9.76
C MET A 455 -10.41 1.38 10.24
N SER A 456 -9.34 1.23 9.47
CA SER A 456 -8.09 1.90 9.81
C SER A 456 -8.19 3.42 9.63
N GLN A 457 -8.93 3.86 8.61
CA GLN A 457 -9.17 5.28 8.42
C GLN A 457 -9.95 5.85 9.60
N GLY A 458 -10.99 5.14 10.02
CA GLY A 458 -11.83 5.58 11.13
C GLY A 458 -11.01 5.75 12.40
N GLN A 459 -10.20 4.74 12.71
CA GLN A 459 -9.30 4.83 13.86
C GLN A 459 -8.35 6.03 13.76
N ARG A 460 -7.70 6.19 12.61
CA ARG A 460 -6.86 7.35 12.34
C ARG A 460 -7.56 8.67 12.64
N TRP A 461 -8.75 8.83 12.08
CA TRP A 461 -9.52 10.06 12.27
C TRP A 461 -9.78 10.35 13.74
N ILE A 462 -10.19 9.31 14.47
CA ILE A 462 -10.49 9.44 15.91
C ILE A 462 -9.25 9.88 16.71
N GLU A 463 -8.13 9.22 16.44
CA GLU A 463 -6.85 9.51 17.14
C GLU A 463 -6.39 10.95 16.94
N LYS A 464 -6.49 11.42 15.70
CA LYS A 464 -6.11 12.79 15.36
C LYS A 464 -6.98 13.85 16.03
N ALA A 465 -8.22 13.47 16.37
CA ALA A 465 -9.13 14.36 17.09
C ALA A 465 -8.92 14.30 18.60
N GLY A 466 -8.15 13.31 19.05
CA GLY A 466 -7.79 13.18 20.46
C GLY A 466 -8.45 12.00 21.13
N GLY A 467 -9.10 11.16 20.33
CA GLY A 467 -9.74 9.95 20.82
C GLY A 467 -8.70 8.90 21.15
N ILE A 468 -9.01 8.07 22.14
CA ILE A 468 -8.09 7.01 22.56
C ILE A 468 -8.67 5.67 22.13
N VAL A 469 -8.10 5.12 21.07
CA VAL A 469 -8.56 3.83 20.56
C VAL A 469 -7.69 2.71 21.11
N ILE A 470 -8.34 1.78 21.80
CA ILE A 470 -7.67 0.68 22.49
C ILE A 470 -7.98 -0.62 21.77
N THR A 471 -6.92 -1.37 21.43
CA THR A 471 -7.08 -2.62 20.70
C THR A 471 -6.58 -3.80 21.53
N GLU A 472 -7.42 -4.82 21.64
CA GLU A 472 -7.04 -6.10 22.23
C GLU A 472 -7.09 -7.16 21.13
N GLY A 473 -6.02 -7.24 20.35
CA GLY A 473 -5.92 -8.20 19.25
C GLY A 473 -6.90 -7.91 18.12
N VAL A 476 -9.54 -4.91 14.68
CA VAL A 476 -8.69 -3.72 14.52
C VAL A 476 -9.42 -2.60 13.75
N GLY A 477 -9.24 -1.37 14.21
CA GLY A 477 -9.85 -0.21 13.58
C GLY A 477 -11.24 0.11 14.09
N VAL A 478 -11.77 1.26 13.68
CA VAL A 478 -13.11 1.69 14.07
C VAL A 478 -13.87 2.14 12.83
N GLU A 479 -15.10 1.66 12.68
CA GLU A 479 -15.98 2.15 11.62
C GLU A 479 -16.63 3.46 12.08
N VAL A 480 -16.36 4.53 11.35
CA VAL A 480 -16.95 5.82 11.65
C VAL A 480 -18.01 6.11 10.58
N SER A 481 -19.26 6.22 11.02
CA SER A 481 -20.34 6.51 10.07
C SER A 481 -20.06 7.80 9.32
N PRO A 482 -20.33 7.83 8.00
CA PRO A 482 -20.23 9.10 7.28
C PRO A 482 -21.19 10.16 7.84
N LEU A 483 -22.28 9.73 8.47
CA LEU A 483 -23.21 10.67 9.10
C LEU A 483 -22.58 11.41 10.30
N ILE A 484 -21.53 10.81 10.85
CA ILE A 484 -20.72 11.44 11.90
C ILE A 484 -19.58 12.27 11.30
N SER A 485 -18.88 11.71 10.31
CA SER A 485 -17.73 12.38 9.70
C SER A 485 -17.59 12.00 8.23
N TYR A 486 -17.56 13.02 7.36
CA TYR A 486 -17.37 12.82 5.92
C TYR A 486 -15.92 12.48 5.62
N GLY A 487 -15.01 13.28 6.20
CA GLY A 487 -13.59 13.22 5.87
C GLY A 487 -12.64 13.43 7.03
N GLY A 488 -13.11 13.19 8.25
CA GLY A 488 -12.27 13.32 9.44
C GLY A 488 -12.66 14.47 10.36
N GLU A 489 -13.55 15.33 9.87
CA GLU A 489 -14.05 16.46 10.66
C GLU A 489 -15.13 16.04 11.67
N GLY A 490 -15.42 16.93 12.62
CA GLY A 490 -16.53 16.74 13.55
C GLY A 490 -16.39 15.63 14.58
N LEU A 491 -15.16 15.26 14.91
CA LEU A 491 -14.94 14.21 15.89
C LEU A 491 -14.39 14.75 17.22
N GLU A 492 -14.34 16.08 17.33
CA GLU A 492 -13.88 16.75 18.58
C GLU A 492 -14.55 16.21 19.84
N PHE A 493 -15.78 15.74 19.72
CA PHE A 493 -16.54 15.21 20.86
C PHE A 493 -15.96 13.90 21.41
N LEU A 494 -15.05 13.29 20.66
CA LEU A 494 -14.43 12.04 21.08
C LEU A 494 -13.10 12.25 21.81
N LYS A 495 -12.67 13.49 21.91
CA LYS A 495 -11.39 13.83 22.56
C LYS A 495 -11.35 13.33 24.01
N GLY A 496 -10.30 12.57 24.34
CA GLY A 496 -10.13 12.02 25.68
C GLY A 496 -10.97 10.79 25.99
N ARG A 497 -11.90 10.46 25.10
CA ARG A 497 -12.75 9.29 25.28
C ARG A 497 -12.03 8.01 24.88
N GLU A 498 -12.27 6.94 25.63
CA GLU A 498 -11.71 5.63 25.32
C GLU A 498 -12.67 4.83 24.48
N ILE A 499 -12.15 4.22 23.42
CA ILE A 499 -12.94 3.44 22.48
C ILE A 499 -12.27 2.10 22.25
N LYS A 500 -13.00 1.01 22.51
CA LYS A 500 -12.47 -0.34 22.32
C LYS A 500 -12.71 -0.85 20.90
N ALA A 501 -11.62 -1.00 20.14
CA ALA A 501 -11.66 -1.54 18.78
C ALA A 501 -11.78 -3.07 18.79
N PRO A 502 -12.57 -3.66 17.87
CA PRO A 502 -13.35 -2.97 16.83
C PRO A 502 -14.61 -2.32 17.38
N ALA A 503 -14.97 -1.18 16.81
CA ALA A 503 -16.16 -0.44 17.23
C ALA A 503 -16.84 0.20 16.02
N PHE A 504 -17.98 0.84 16.28
CA PHE A 504 -18.79 1.51 15.27
C PHE A 504 -19.37 2.78 15.87
N ILE A 505 -18.97 3.93 15.33
CA ILE A 505 -19.44 5.23 15.80
C ILE A 505 -20.54 5.70 14.85
N GLU A 506 -21.77 5.79 15.36
CA GLU A 506 -22.91 6.21 14.55
C GLU A 506 -23.65 7.40 15.18
N LYS A 507 -24.41 8.12 14.36
CA LYS A 507 -25.22 9.25 14.80
C LYS A 507 -26.46 8.78 15.57
N PRO B 27 6.05 -6.05 -24.55
CA PRO B 27 7.31 -6.63 -25.02
C PRO B 27 7.15 -7.28 -26.40
N SER B 28 8.13 -7.09 -27.27
CA SER B 28 8.11 -7.66 -28.62
C SER B 28 8.32 -9.18 -28.62
N ALA B 29 7.85 -9.83 -29.68
CA ALA B 29 8.02 -11.27 -29.86
C ALA B 29 9.49 -11.70 -29.79
N GLU B 30 10.36 -10.91 -30.43
CA GLU B 30 11.80 -11.23 -30.47
C GLU B 30 12.44 -11.23 -29.08
N GLU B 31 12.25 -10.15 -28.32
CA GLU B 31 12.81 -10.05 -26.99
C GLU B 31 12.17 -11.03 -26.00
N PHE B 32 10.89 -11.34 -26.21
CA PHE B 32 10.19 -12.32 -25.38
C PHE B 32 10.73 -13.73 -25.67
N GLN B 33 11.04 -14.00 -26.93
CA GLN B 33 11.63 -15.28 -27.34
C GLN B 33 13.05 -15.43 -26.80
N GLN B 34 13.83 -14.36 -26.88
CA GLN B 34 15.21 -14.35 -26.39
C GLN B 34 15.24 -14.68 -24.89
N LEU B 35 14.33 -14.08 -24.14
CA LEU B 35 14.22 -14.32 -22.70
C LEU B 35 13.83 -15.77 -22.44
N ARG B 36 12.85 -16.25 -23.22
CA ARG B 36 12.37 -17.61 -23.08
C ARG B 36 13.46 -18.65 -23.34
N LYS B 37 14.30 -18.41 -24.34
CA LYS B 37 15.44 -19.28 -24.65
C LYS B 37 16.41 -19.34 -23.47
N LYS B 38 16.74 -18.17 -22.93
CA LYS B 38 17.63 -18.05 -21.77
C LYS B 38 17.14 -18.90 -20.60
N TYR B 39 15.85 -18.79 -20.29
CA TYR B 39 15.25 -19.54 -19.18
C TYR B 39 15.15 -21.04 -19.48
N THR B 40 14.73 -21.38 -20.69
CA THR B 40 14.63 -22.78 -21.11
C THR B 40 15.99 -23.49 -21.04
N ASP B 41 17.01 -22.86 -21.61
CA ASP B 41 18.38 -23.40 -21.61
C ASP B 41 18.96 -23.58 -20.19
N ALA B 42 18.51 -22.73 -19.27
CA ALA B 42 18.92 -22.82 -17.86
C ALA B 42 18.10 -23.81 -17.03
N GLY B 43 17.17 -24.52 -17.68
CA GLY B 43 16.33 -25.51 -16.98
C GLY B 43 15.23 -24.88 -16.14
N GLN B 44 14.87 -23.65 -16.48
CA GLN B 44 13.82 -22.91 -15.77
C GLN B 44 12.70 -22.52 -16.72
N GLY B 45 12.51 -23.32 -17.77
CA GLY B 45 11.51 -23.02 -18.79
C GLY B 45 10.08 -23.08 -18.31
N HIS B 46 9.84 -23.78 -17.20
CA HIS B 46 8.51 -23.94 -16.60
C HIS B 46 7.85 -22.60 -16.23
N VAL B 47 8.66 -21.56 -16.04
CA VAL B 47 8.10 -20.24 -15.70
C VAL B 47 7.25 -19.65 -16.83
N PHE B 48 7.42 -20.18 -18.04
CA PHE B 48 6.64 -19.77 -19.22
C PHE B 48 5.50 -20.74 -19.56
N ALA B 49 5.27 -21.73 -18.70
CA ALA B 49 4.32 -22.82 -18.98
C ALA B 49 2.90 -22.35 -19.33
N PHE B 50 2.51 -21.18 -18.82
CA PHE B 50 1.13 -20.73 -18.93
C PHE B 50 0.98 -19.47 -19.78
N VAL B 51 2.00 -19.17 -20.58
CA VAL B 51 2.05 -17.96 -21.41
C VAL B 51 0.85 -17.83 -22.36
N ASP B 52 0.42 -18.94 -22.95
CA ASP B 52 -0.72 -18.94 -23.87
C ASP B 52 -2.06 -18.57 -23.21
N GLU B 53 -2.15 -18.77 -21.90
CA GLU B 53 -3.34 -18.43 -21.13
C GLU B 53 -3.42 -16.96 -20.71
N LEU B 54 -2.31 -16.25 -20.83
CA LEU B 54 -2.17 -14.93 -20.20
C LEU B 54 -2.73 -13.78 -21.03
N GLN B 55 -3.28 -12.78 -20.34
CA GLN B 55 -3.65 -11.52 -20.97
C GLN B 55 -2.37 -10.72 -21.25
N THR B 56 -2.49 -9.72 -22.12
CA THR B 56 -1.35 -8.89 -22.53
C THR B 56 -0.62 -8.29 -21.32
N GLY B 57 -1.38 -7.85 -20.32
CA GLY B 57 -0.82 -7.25 -19.11
C GLY B 57 -0.08 -8.27 -18.25
N GLU B 58 -0.68 -9.44 -18.08
CA GLU B 58 -0.05 -10.54 -17.34
C GLU B 58 1.24 -11.03 -18.01
N ARG B 59 1.22 -11.11 -19.34
CA ARG B 59 2.40 -11.46 -20.14
C ARG B 59 3.51 -10.42 -19.93
N SER B 60 3.12 -9.15 -19.91
CA SER B 60 4.06 -8.05 -19.73
C SER B 60 4.69 -8.07 -18.34
N GLN B 61 3.86 -8.30 -17.32
CA GLN B 61 4.34 -8.43 -15.93
C GLN B 61 5.42 -9.51 -15.82
N LEU B 62 5.13 -10.67 -16.39
CA LEU B 62 6.03 -11.82 -16.35
C LEU B 62 7.36 -11.53 -17.06
N PHE B 63 7.28 -11.01 -18.27
CA PHE B 63 8.48 -10.62 -19.02
C PHE B 63 9.41 -9.72 -18.20
N HIS B 64 8.85 -8.68 -17.60
CA HIS B 64 9.66 -7.71 -16.86
C HIS B 64 10.25 -8.28 -15.57
N GLN B 65 9.47 -9.08 -14.86
CA GLN B 65 9.98 -9.71 -13.64
C GLN B 65 11.10 -10.71 -13.97
N LEU B 66 10.88 -11.57 -14.97
CA LEU B 66 11.90 -12.55 -15.35
C LEU B 66 13.17 -11.90 -15.91
N SER B 67 13.02 -10.75 -16.56
CA SER B 67 14.15 -10.00 -17.09
C SER B 67 15.07 -9.50 -15.97
N SER B 68 14.53 -9.41 -14.76
CA SER B 68 15.28 -8.89 -13.60
C SER B 68 16.16 -9.93 -12.91
N PHE B 69 15.98 -11.21 -13.26
CA PHE B 69 16.83 -12.27 -12.72
C PHE B 69 17.63 -12.93 -13.83
N ASP B 70 18.86 -13.31 -13.50
CA ASP B 70 19.68 -14.15 -14.37
C ASP B 70 19.46 -15.59 -13.91
N PRO B 71 18.78 -16.42 -14.74
CA PRO B 71 18.45 -17.77 -14.29
C PRO B 71 19.69 -18.63 -14.04
N VAL B 72 20.78 -18.34 -14.74
CA VAL B 72 22.05 -19.03 -14.51
C VAL B 72 22.56 -18.75 -13.09
N ARG B 73 22.51 -17.48 -12.68
CA ARG B 73 22.89 -17.10 -11.31
C ARG B 73 21.98 -17.76 -10.27
N ILE B 74 20.68 -17.83 -10.57
CA ILE B 74 19.72 -18.51 -9.69
C ILE B 74 20.05 -20.01 -9.56
N ASN B 75 20.38 -20.66 -10.69
CA ASN B 75 20.83 -22.05 -10.65
C ASN B 75 22.03 -22.25 -9.74
N GLU B 76 23.01 -21.34 -9.84
CA GLU B 76 24.21 -21.42 -9.02
C GLU B 76 23.86 -21.30 -7.53
N LEU B 77 22.99 -20.36 -7.22
CA LEU B 77 22.51 -20.16 -5.86
C LEU B 77 21.71 -21.36 -5.35
N ALA B 78 20.86 -21.93 -6.21
CA ALA B 78 20.04 -23.09 -5.86
C ALA B 78 20.93 -24.30 -5.58
N ASP B 79 21.92 -24.52 -6.43
CA ASP B 79 22.84 -25.64 -6.27
C ASP B 79 23.63 -25.54 -4.96
N LYS B 80 24.12 -24.34 -4.65
CA LYS B 80 24.89 -24.14 -3.42
C LYS B 80 24.03 -24.40 -2.19
N ALA B 81 22.77 -24.03 -2.27
CA ALA B 81 21.84 -24.15 -1.15
C ALA B 81 21.30 -25.57 -0.97
N LEU B 82 20.94 -26.22 -2.08
CA LEU B 82 20.24 -27.50 -2.02
C LEU B 82 21.18 -28.70 -2.03
N ASN B 83 22.35 -28.52 -2.65
CA ASN B 83 23.40 -29.54 -2.65
C ASN B 83 24.71 -28.93 -2.16
N PRO B 84 24.75 -28.50 -0.87
CA PRO B 84 25.91 -27.79 -0.34
C PRO B 84 27.15 -28.66 -0.21
N PRO B 85 28.35 -28.04 -0.27
CA PRO B 85 29.62 -28.77 -0.18
C PRO B 85 29.96 -29.23 1.24
N SER B 93 38.60 -22.78 15.80
CA SER B 93 38.62 -21.98 17.01
C SER B 93 37.26 -21.29 17.18
N LEU B 94 36.63 -21.54 18.32
CA LEU B 94 35.32 -20.97 18.62
C LEU B 94 35.29 -20.63 20.10
N GLU B 95 35.45 -19.34 20.38
CA GLU B 95 35.62 -18.87 21.75
C GLU B 95 34.91 -17.53 21.92
N PRO B 96 34.61 -17.13 23.16
CA PRO B 96 34.12 -15.76 23.36
C PRO B 96 35.14 -14.74 22.85
N LEU B 97 34.67 -13.54 22.55
CA LEU B 97 35.55 -12.45 22.11
C LEU B 97 36.60 -12.16 23.18
N PRO B 98 37.84 -11.84 22.77
CA PRO B 98 38.87 -11.42 23.73
C PRO B 98 38.46 -10.14 24.45
N ASP B 99 38.91 -9.99 25.70
CA ASP B 99 38.58 -8.83 26.54
C ASP B 99 38.93 -7.49 25.89
N ILE B 100 39.98 -7.48 25.07
CA ILE B 100 40.40 -6.27 24.37
C ILE B 100 39.31 -5.68 23.45
N ALA B 101 38.48 -6.55 22.89
CA ALA B 101 37.44 -6.12 21.94
C ALA B 101 36.06 -5.90 22.58
N THR B 102 35.97 -6.04 23.90
CA THR B 102 34.67 -5.94 24.59
C THR B 102 34.63 -4.82 25.61
N ALA B 103 33.42 -4.33 25.87
CA ALA B 103 33.17 -3.36 26.93
C ALA B 103 31.79 -3.69 27.51
N SER B 104 31.49 -3.11 28.66
CA SER B 104 30.18 -3.30 29.24
C SER B 104 29.73 -2.03 29.94
N ILE B 105 28.49 -1.64 29.70
CA ILE B 105 27.87 -0.52 30.42
C ILE B 105 27.99 -0.78 31.92
N LEU B 106 27.70 -2.01 32.33
CA LEU B 106 27.71 -2.42 33.73
C LEU B 106 29.07 -2.20 34.43
N ASP B 107 30.15 -2.47 33.72
CA ASP B 107 31.51 -2.41 34.28
C ASP B 107 32.34 -1.21 33.83
N SER B 108 31.70 -0.24 33.20
CA SER B 108 32.40 0.94 32.71
C SER B 108 32.66 1.95 33.83
N ASP B 109 33.79 2.64 33.72
CA ASP B 109 34.03 3.81 34.53
C ASP B 109 32.98 4.85 34.13
N PRO B 110 32.22 5.38 35.11
CA PRO B 110 31.18 6.36 34.77
C PRO B 110 31.74 7.60 34.07
N LYS B 111 33.02 7.90 34.30
CA LYS B 111 33.68 8.99 33.58
C LYS B 111 33.79 8.70 32.07
N ASP B 112 34.06 7.44 31.72
CA ASP B 112 34.08 7.04 30.31
C ASP B 112 32.68 7.16 29.71
N LEU B 113 31.68 6.65 30.41
CA LEU B 113 30.29 6.73 29.95
C LEU B 113 29.85 8.16 29.71
N GLU B 114 30.25 9.06 30.62
CA GLU B 114 29.92 10.47 30.49
C GLU B 114 30.63 11.07 29.28
N GLN B 115 31.91 10.74 29.13
CA GLN B 115 32.73 11.25 28.02
C GLN B 115 32.14 10.78 26.69
N TRP B 116 31.78 9.51 26.62
CA TRP B 116 31.21 8.95 25.38
C TRP B 116 29.88 9.58 25.01
N TYR B 117 29.03 9.81 26.00
CA TYR B 117 27.74 10.45 25.79
C TYR B 117 27.94 11.84 25.20
N GLU B 118 28.79 12.63 25.86
CA GLU B 118 29.05 14.00 25.42
C GLU B 118 29.67 14.03 24.02
N GLU B 119 30.60 13.13 23.75
CA GLU B 119 31.24 13.07 22.42
C GLU B 119 30.23 12.62 21.35
N GLY B 120 29.41 11.63 21.69
CA GLY B 120 28.29 11.24 20.82
C GLY B 120 27.32 12.37 20.51
N LEU B 121 26.96 13.16 21.52
CA LEU B 121 26.07 14.30 21.32
C LEU B 121 26.73 15.36 20.44
N LYS B 122 28.03 15.54 20.61
CA LYS B 122 28.79 16.48 19.77
C LYS B 122 28.74 16.06 18.30
N LEU B 123 28.83 14.75 18.05
CA LEU B 123 28.79 14.22 16.68
C LEU B 123 27.40 14.42 16.06
N VAL B 124 26.36 14.21 16.87
CA VAL B 124 24.98 14.52 16.45
C VAL B 124 24.87 16.00 16.08
N ALA B 125 25.38 16.85 16.97
CA ALA B 125 25.32 18.30 16.77
C ALA B 125 26.08 18.73 15.54
N GLY B 126 27.11 17.96 15.16
CA GLY B 126 27.89 18.25 13.97
C GLY B 126 27.27 17.70 12.69
N ASN B 127 26.04 17.18 12.81
CA ASN B 127 25.32 16.58 11.68
C ASN B 127 26.08 15.42 11.05
N LYS B 128 26.81 14.68 11.89
CA LYS B 128 27.68 13.59 11.40
C LYS B 128 27.06 12.22 11.61
N VAL B 129 25.88 12.17 12.21
CA VAL B 129 25.27 10.89 12.56
C VAL B 129 24.01 10.57 11.73
N ALA B 130 23.97 9.37 11.17
CA ALA B 130 22.82 8.88 10.41
C ALA B 130 22.27 7.62 11.06
N VAL B 131 21.01 7.33 10.79
CA VAL B 131 20.37 6.13 11.28
C VAL B 131 19.81 5.32 10.11
N VAL B 132 20.03 4.00 10.12
CA VAL B 132 19.35 3.14 9.18
C VAL B 132 18.46 2.17 9.94
N LEU B 133 17.17 2.25 9.67
CA LEU B 133 16.18 1.38 10.29
C LEU B 133 15.89 0.23 9.32
N MET B 134 16.11 -0.99 9.79
CA MET B 134 15.79 -2.16 8.98
C MET B 134 14.34 -2.55 9.25
N ALA B 135 13.48 -2.33 8.25
CA ALA B 135 12.05 -2.55 8.41
C ALA B 135 11.50 -3.24 7.16
N GLY B 136 12.29 -4.17 6.62
CA GLY B 136 11.93 -4.92 5.41
C GLY B 136 11.33 -6.28 5.73
N GLY B 137 11.42 -6.68 7.00
CA GLY B 137 10.84 -7.95 7.45
C GLY B 137 9.32 -7.93 7.45
N GLN B 138 8.72 -9.10 7.19
CA GLN B 138 7.26 -9.20 7.11
C GLN B 138 6.59 -9.70 8.40
N GLY B 139 7.39 -9.94 9.44
CA GLY B 139 6.88 -10.32 10.76
C GLY B 139 5.92 -11.50 10.77
N THR B 140 6.35 -12.61 10.17
CA THR B 140 5.49 -13.79 10.03
C THR B 140 5.11 -14.43 11.37
N ARG B 141 5.99 -14.33 12.38
CA ARG B 141 5.68 -14.83 13.73
C ARG B 141 4.65 -13.95 14.44
N LEU B 142 4.65 -12.66 14.14
CA LEU B 142 3.68 -11.73 14.73
C LEU B 142 2.30 -11.82 14.08
N GLY B 143 2.27 -12.09 12.77
CA GLY B 143 1.02 -12.25 12.04
C GLY B 143 0.15 -11.02 11.89
N SER B 144 0.76 -9.84 12.00
CA SER B 144 0.04 -8.58 11.75
C SER B 144 -0.12 -8.38 10.24
N SER B 145 -1.22 -7.77 9.82
CA SER B 145 -1.41 -7.46 8.40
C SER B 145 -0.76 -6.12 8.02
N ALA B 146 -0.21 -5.42 9.00
CA ALA B 146 0.47 -4.15 8.75
C ALA B 146 1.97 -4.29 9.08
N PRO B 147 2.81 -3.39 8.53
CA PRO B 147 4.23 -3.42 8.86
C PRO B 147 4.43 -3.46 10.38
N LYS B 148 5.44 -4.20 10.84
CA LYS B 148 5.68 -4.34 12.27
C LYS B 148 5.85 -2.98 12.97
N GLY B 149 6.50 -2.03 12.29
CA GLY B 149 6.71 -0.68 12.86
C GLY B 149 5.43 0.05 13.20
N CYS B 150 4.34 -0.31 12.51
CA CYS B 150 3.02 0.27 12.76
C CYS B 150 2.37 -0.25 14.04
N PHE B 151 2.87 -1.36 14.57
CA PHE B 151 2.20 -2.03 15.69
C PHE B 151 2.07 -1.17 16.95
N ASP B 152 0.88 -1.22 17.54
CA ASP B 152 0.55 -0.51 18.77
C ASP B 152 0.59 -1.54 19.90
N ILE B 153 1.62 -1.43 20.75
CA ILE B 153 1.79 -2.40 21.84
C ILE B 153 0.87 -2.15 23.04
N GLY B 154 -0.02 -1.16 22.94
CA GLY B 154 -1.00 -0.86 23.98
C GLY B 154 -0.59 0.09 25.09
N LEU B 155 0.45 0.90 24.85
CA LEU B 155 0.83 1.97 25.76
C LEU B 155 -0.31 2.99 25.85
N PRO B 156 -0.38 3.75 26.98
CA PRO B 156 -1.38 4.81 27.13
C PRO B 156 -1.43 5.77 25.92
N SER B 157 -0.28 6.03 25.31
CA SER B 157 -0.20 6.94 24.16
C SER B 157 -0.72 6.28 22.88
N HIS B 158 -0.71 4.94 22.87
CA HIS B 158 -0.94 4.14 21.67
C HIS B 158 -0.06 4.52 20.49
N LYS B 159 1.14 5.00 20.79
CA LYS B 159 2.14 5.26 19.76
C LYS B 159 2.67 3.96 19.16
N SER B 160 2.86 3.96 17.85
CA SER B 160 3.49 2.87 17.13
C SER B 160 4.98 2.79 17.45
N LEU B 161 5.60 1.65 17.16
CA LEU B 161 7.06 1.53 17.24
C LEU B 161 7.76 2.60 16.41
N PHE B 162 7.28 2.82 15.17
CA PHE B 162 7.83 3.87 14.30
C PHE B 162 7.84 5.23 15.01
N GLN B 163 6.71 5.62 15.60
CA GLN B 163 6.59 6.94 16.22
C GLN B 163 7.50 7.08 17.43
N ILE B 164 7.59 6.04 18.26
CA ILE B 164 8.47 6.09 19.41
C ILE B 164 9.92 6.33 18.94
N GLN B 165 10.32 5.61 17.91
CA GLN B 165 11.67 5.73 17.34
C GLN B 165 11.89 7.11 16.75
N ALA B 166 10.90 7.63 16.03
CA ALA B 166 11.01 8.97 15.44
C ALA B 166 11.17 10.04 16.52
N GLU B 167 10.45 9.90 17.61
CA GLU B 167 10.50 10.88 18.69
C GLU B 167 11.83 10.82 19.45
N ARG B 168 12.45 9.64 19.49
CA ARG B 168 13.81 9.54 20.03
C ARG B 168 14.80 10.34 19.20
N ILE B 169 14.70 10.23 17.86
CA ILE B 169 15.50 11.04 16.95
C ILE B 169 15.24 12.53 17.19
N ALA B 170 13.96 12.92 17.25
CA ALA B 170 13.58 14.33 17.47
C ALA B 170 14.17 14.86 18.76
N LYS B 171 14.08 14.06 19.82
CA LYS B 171 14.61 14.45 21.13
C LYS B 171 16.13 14.60 21.13
N LEU B 172 16.83 13.64 20.53
CA LEU B 172 18.29 13.74 20.43
C LEU B 172 18.74 14.97 19.67
N GLN B 173 18.02 15.31 18.61
CA GLN B 173 18.34 16.52 17.85
C GLN B 173 18.20 17.72 18.77
N LEU B 174 17.13 17.75 19.56
CA LEU B 174 16.89 18.85 20.51
C LEU B 174 18.00 18.95 21.56
N LEU B 175 18.42 17.81 22.10
CA LEU B 175 19.52 17.79 23.07
C LEU B 175 20.84 18.28 22.47
N ALA B 176 21.12 17.88 21.22
CA ALA B 176 22.34 18.29 20.55
C ALA B 176 22.32 19.79 20.22
N GLN B 177 21.15 20.33 19.95
CA GLN B 177 21.01 21.74 19.61
C GLN B 177 21.37 22.63 20.81
N ARG B 178 21.22 22.10 22.02
CA ARG B 178 21.63 22.80 23.24
C ARG B 178 23.14 23.01 23.30
N ILE B 179 23.90 22.12 22.64
CA ILE B 179 25.36 22.16 22.61
C ILE B 179 25.89 23.16 21.58
N SER B 180 25.30 23.12 20.39
CA SER B 180 25.82 23.80 19.22
C SER B 180 25.23 25.19 18.98
N GLY B 181 23.97 25.38 19.40
CA GLY B 181 23.17 26.55 19.00
C GLY B 181 22.82 26.59 17.53
N LYS B 182 22.76 25.42 16.90
CA LYS B 182 22.47 25.30 15.47
C LYS B 182 21.57 24.10 15.25
N GLU B 183 20.89 24.06 14.09
CA GLU B 183 20.02 22.90 13.79
C GLU B 183 20.85 21.61 13.79
N ALA B 184 20.28 20.56 14.38
CA ALA B 184 20.90 19.23 14.38
C ALA B 184 20.00 18.28 13.61
N VAL B 185 20.58 17.56 12.66
CA VAL B 185 19.82 16.63 11.82
C VAL B 185 20.44 15.23 11.86
N ILE B 186 19.63 14.25 12.24
CA ILE B 186 19.99 12.85 12.08
C ILE B 186 19.10 12.30 10.95
N PRO B 187 19.67 12.10 9.74
CA PRO B 187 18.84 11.57 8.66
C PRO B 187 18.40 10.16 9.00
N TRP B 188 17.15 9.85 8.69
CA TRP B 188 16.57 8.56 9.07
C TRP B 188 16.27 7.80 7.79
N TYR B 189 17.10 6.81 7.51
CA TYR B 189 16.94 6.00 6.32
C TYR B 189 16.20 4.73 6.69
N VAL B 190 15.01 4.55 6.11
CA VAL B 190 14.12 3.47 6.53
C VAL B 190 14.05 2.41 5.43
N MET B 191 14.66 1.26 5.70
CA MET B 191 14.75 0.20 4.71
C MET B 191 13.50 -0.66 4.75
N THR B 192 12.83 -0.76 3.61
CA THR B 192 11.61 -1.55 3.51
C THR B 192 11.77 -2.63 2.43
N SER B 193 10.78 -3.49 2.32
CA SER B 193 10.72 -4.47 1.23
C SER B 193 9.47 -4.23 0.39
N GLY B 194 9.33 -4.96 -0.72
CA GLY B 194 8.08 -4.94 -1.49
C GLY B 194 6.81 -4.97 -0.66
N PRO B 195 6.65 -5.99 0.22
CA PRO B 195 5.48 -6.11 1.09
C PRO B 195 5.26 -4.95 2.07
N THR B 196 6.32 -4.27 2.49
CA THR B 196 6.19 -3.24 3.52
C THR B 196 6.28 -1.78 3.03
N ARG B 197 6.81 -1.56 1.83
CA ARG B 197 7.12 -0.18 1.40
C ARG B 197 5.92 0.76 1.33
N LYS B 198 4.89 0.39 0.57
CA LYS B 198 3.72 1.27 0.42
C LYS B 198 3.02 1.56 1.76
N PRO B 199 2.66 0.52 2.55
CA PRO B 199 2.01 0.89 3.81
C PRO B 199 2.91 1.67 4.77
N THR B 200 4.22 1.46 4.69
CA THR B 200 5.14 2.24 5.53
C THR B 200 5.11 3.70 5.10
N GLU B 201 5.22 3.96 3.80
CA GLU B 201 5.17 5.34 3.30
C GLU B 201 3.84 6.03 3.64
N GLU B 202 2.73 5.33 3.44
CA GLU B 202 1.42 5.88 3.75
C GLU B 202 1.32 6.25 5.24
N PHE B 203 1.82 5.35 6.09
CA PHE B 203 1.80 5.56 7.53
C PHE B 203 2.61 6.80 7.94
N PHE B 204 3.84 6.93 7.41
CA PHE B 204 4.68 8.07 7.74
C PHE B 204 4.01 9.37 7.28
N GLU B 205 3.43 9.33 6.08
CA GLU B 205 2.77 10.50 5.49
C GLU B 205 1.55 10.92 6.32
N GLN B 206 0.75 9.95 6.75
CA GLN B 206 -0.43 10.23 7.57
C GLN B 206 -0.08 10.89 8.89
N HIS B 207 1.11 10.55 9.42
CA HIS B 207 1.62 11.08 10.68
C HIS B 207 2.56 12.27 10.50
N LYS B 208 2.61 12.82 9.29
CA LYS B 208 3.46 13.97 8.97
C LYS B 208 4.89 13.74 9.42
N TYR B 209 5.38 12.52 9.17
CA TYR B 209 6.74 12.12 9.52
C TYR B 209 7.08 12.27 11.00
N PHE B 210 6.03 12.23 11.84
CA PHE B 210 6.15 12.26 13.30
C PHE B 210 6.84 13.53 13.81
N GLY B 211 6.74 14.63 13.04
CA GLY B 211 7.33 15.91 13.41
C GLY B 211 8.74 16.12 12.88
N LEU B 212 9.31 15.07 12.29
CA LEU B 212 10.59 15.22 11.59
C LEU B 212 10.36 15.83 10.22
N ASN B 213 11.41 16.37 9.62
CA ASN B 213 11.31 16.91 8.26
C ASN B 213 11.26 15.81 7.21
N LYS B 214 10.29 15.90 6.31
CA LYS B 214 10.19 14.94 5.22
C LYS B 214 11.53 14.76 4.48
N SER B 215 12.28 15.85 4.29
CA SER B 215 13.52 15.79 3.53
C SER B 215 14.66 15.04 4.24
N ASP B 216 14.43 14.73 5.52
CA ASP B 216 15.42 14.04 6.34
C ASP B 216 14.96 12.62 6.70
N VAL B 217 13.87 12.18 6.08
CA VAL B 217 13.38 10.82 6.28
C VAL B 217 13.28 10.17 4.90
N ILE B 218 14.13 9.17 4.65
CA ILE B 218 14.26 8.58 3.33
C ILE B 218 13.85 7.12 3.39
N ILE B 219 12.71 6.79 2.78
CA ILE B 219 12.26 5.40 2.73
C ILE B 219 12.80 4.78 1.45
N PHE B 220 13.46 3.63 1.58
CA PHE B 220 14.06 2.96 0.43
C PHE B 220 13.76 1.45 0.48
N GLU B 221 14.00 0.77 -0.64
CA GLU B 221 13.67 -0.65 -0.74
C GLU B 221 14.92 -1.50 -0.90
N GLN B 222 14.93 -2.65 -0.22
CA GLN B 222 15.98 -3.63 -0.45
C GLN B 222 15.59 -4.51 -1.64
N GLY B 223 16.53 -5.33 -2.09
CA GLY B 223 16.27 -6.24 -3.19
C GLY B 223 15.58 -7.51 -2.78
N VAL B 224 15.26 -8.34 -3.79
CA VAL B 224 14.59 -9.62 -3.58
C VAL B 224 15.36 -10.74 -4.27
N LEU B 225 15.02 -11.96 -3.92
CA LEU B 225 15.46 -13.14 -4.65
C LEU B 225 14.24 -14.04 -4.89
N PRO B 226 14.22 -14.76 -6.04
CA PRO B 226 13.13 -15.72 -6.21
C PRO B 226 13.20 -16.79 -5.14
N CYS B 227 12.02 -17.28 -4.74
CA CYS B 227 11.94 -18.49 -3.92
C CYS B 227 12.17 -19.70 -4.83
N ILE B 228 12.83 -20.72 -4.30
CA ILE B 228 13.27 -21.85 -5.09
C ILE B 228 12.68 -23.14 -4.49
N SER B 229 12.14 -24.02 -5.33
CA SER B 229 11.62 -25.30 -4.86
C SER B 229 12.73 -26.20 -4.32
N ASN B 230 12.37 -27.23 -3.56
CA ASN B 230 13.33 -28.24 -3.12
C ASN B 230 14.07 -28.90 -4.28
N GLU B 231 13.47 -28.87 -5.46
CA GLU B 231 14.06 -29.46 -6.67
C GLU B 231 14.89 -28.45 -7.48
N GLY B 232 15.04 -27.23 -6.94
CA GLY B 232 15.88 -26.21 -7.58
C GLY B 232 15.18 -25.34 -8.61
N LYS B 233 13.85 -25.43 -8.66
CA LYS B 233 13.07 -24.70 -9.65
C LYS B 233 12.48 -23.40 -9.07
N ILE B 234 12.53 -22.34 -9.88
CA ILE B 234 11.94 -21.06 -9.51
C ILE B 234 10.45 -21.26 -9.24
N LEU B 235 9.99 -20.82 -8.07
CA LEU B 235 8.59 -20.99 -7.68
C LEU B 235 7.72 -19.88 -8.27
N MET B 236 6.56 -20.26 -8.78
CA MET B 236 5.62 -19.32 -9.36
C MET B 236 4.48 -19.06 -8.37
N GLU B 237 4.31 -17.79 -7.97
CA GLU B 237 3.20 -17.41 -7.09
C GLU B 237 1.86 -17.49 -7.82
N SER B 238 1.89 -17.13 -9.10
CA SER B 238 0.74 -17.27 -9.98
C SER B 238 1.24 -17.67 -11.37
N LYS B 239 0.32 -17.71 -12.34
CA LYS B 239 0.68 -18.08 -13.70
C LYS B 239 1.53 -17.03 -14.42
N PHE B 240 1.58 -15.83 -13.85
CA PHE B 240 2.33 -14.73 -14.47
C PHE B 240 3.27 -14.02 -13.49
N LYS B 241 3.49 -14.61 -12.33
CA LYS B 241 4.28 -13.97 -11.27
C LYS B 241 5.17 -14.96 -10.51
N VAL B 242 6.46 -14.64 -10.44
CA VAL B 242 7.43 -15.39 -9.66
C VAL B 242 7.26 -15.06 -8.19
N ALA B 243 7.24 -16.11 -7.34
CA ALA B 243 7.29 -15.94 -5.89
C ALA B 243 8.67 -15.43 -5.47
N VAL B 244 8.70 -14.28 -4.83
CA VAL B 244 9.97 -13.66 -4.41
C VAL B 244 9.94 -13.35 -2.92
N ALA B 245 11.11 -13.14 -2.33
CA ALA B 245 11.23 -12.74 -0.93
C ALA B 245 12.33 -11.70 -0.79
N PRO B 246 12.24 -10.81 0.22
CA PRO B 246 13.36 -9.91 0.48
C PRO B 246 14.65 -10.70 0.66
N ASP B 247 15.78 -10.12 0.27
CA ASP B 247 17.06 -10.84 0.24
C ASP B 247 17.81 -10.92 1.58
N GLY B 248 17.06 -10.78 2.67
CA GLY B 248 17.65 -10.84 4.02
C GLY B 248 18.07 -9.47 4.47
N ASN B 249 18.26 -9.28 5.78
CA ASN B 249 18.69 -7.95 6.22
C ASN B 249 20.13 -7.60 5.82
N GLY B 250 20.91 -8.61 5.42
CA GLY B 250 22.22 -8.41 4.81
C GLY B 250 22.17 -7.72 3.45
N GLY B 251 20.98 -7.70 2.85
CA GLY B 251 20.73 -6.96 1.60
C GLY B 251 20.83 -5.46 1.79
N ILE B 252 20.94 -5.01 3.04
CA ILE B 252 21.12 -3.59 3.34
C ILE B 252 22.26 -2.95 2.53
N TYR B 253 23.41 -3.61 2.47
CA TYR B 253 24.61 -2.99 1.92
C TYR B 253 24.45 -2.66 0.44
N GLN B 254 23.98 -3.63 -0.34
CA GLN B 254 23.70 -3.40 -1.77
C GLN B 254 22.62 -2.34 -1.92
N ALA B 255 21.58 -2.42 -1.10
CA ALA B 255 20.49 -1.44 -1.13
C ALA B 255 20.96 -0.02 -0.86
N LEU B 256 21.97 0.14 -0.01
CA LEU B 256 22.58 1.46 0.22
C LEU B 256 23.17 2.07 -1.06
N LEU B 257 23.64 1.22 -1.97
CA LEU B 257 24.17 1.69 -3.25
C LEU B 257 23.04 1.94 -4.24
N THR B 258 22.21 0.93 -4.45
CA THR B 258 21.13 1.00 -5.44
C THR B 258 20.15 2.14 -5.16
N SER B 259 19.86 2.37 -3.89
CA SER B 259 18.90 3.41 -3.48
C SER B 259 19.45 4.84 -3.52
N GLY B 260 20.77 4.98 -3.59
CA GLY B 260 21.42 6.29 -3.51
C GLY B 260 21.64 6.78 -2.08
N VAL B 261 21.32 5.94 -1.10
CA VAL B 261 21.45 6.34 0.32
C VAL B 261 22.90 6.63 0.70
N ARG B 262 23.84 5.77 0.29
CA ARG B 262 25.24 6.03 0.64
C ARG B 262 25.69 7.39 0.13
N GLU B 263 25.32 7.70 -1.11
CA GLU B 263 25.73 8.98 -1.68
C GLU B 263 25.01 10.16 -1.01
N ASP B 264 23.77 9.93 -0.57
CA ASP B 264 23.08 10.95 0.25
C ASP B 264 23.80 11.17 1.58
N MET B 265 24.25 10.08 2.20
CA MET B 265 25.06 10.21 3.42
C MET B 265 26.33 11.02 3.16
N ARG B 266 27.00 10.73 2.05
CA ARG B 266 28.23 11.44 1.67
C ARG B 266 27.97 12.94 1.54
N LYS B 267 26.90 13.28 0.84
CA LYS B 267 26.49 14.67 0.64
C LYS B 267 26.31 15.43 1.97
N ARG B 268 25.69 14.75 2.94
CA ARG B 268 25.42 15.35 4.24
C ARG B 268 26.63 15.43 5.18
N GLY B 269 27.72 14.78 4.81
CA GLY B 269 28.92 14.70 5.67
C GLY B 269 28.80 13.70 6.81
N ILE B 270 27.97 12.69 6.62
CA ILE B 270 27.80 11.61 7.62
C ILE B 270 29.11 10.87 7.83
N GLU B 271 29.48 10.66 9.09
CA GLU B 271 30.68 9.89 9.41
C GLU B 271 30.39 8.65 10.30
N HIS B 272 29.17 8.57 10.83
CA HIS B 272 28.82 7.56 11.83
C HIS B 272 27.39 7.12 11.59
N ILE B 273 27.17 5.81 11.50
CA ILE B 273 25.84 5.29 11.18
C ILE B 273 25.42 4.25 12.21
N HIS B 274 24.24 4.46 12.79
CA HIS B 274 23.60 3.48 13.67
C HIS B 274 22.53 2.72 12.87
N THR B 275 22.65 1.39 12.82
CA THR B 275 21.66 0.55 12.16
C THR B 275 21.00 -0.34 13.22
N TYR B 276 19.68 -0.47 13.16
CA TYR B 276 18.94 -1.25 14.17
C TYR B 276 17.68 -1.90 13.63
N CYS B 277 17.14 -2.81 14.43
CA CYS B 277 15.95 -3.60 14.14
C CYS B 277 14.69 -2.90 14.62
N VAL B 278 13.67 -2.86 13.76
CA VAL B 278 12.40 -2.17 14.05
C VAL B 278 11.65 -2.65 15.29
N ASP B 279 11.81 -3.92 15.65
CA ASP B 279 10.90 -4.57 16.61
C ASP B 279 11.15 -4.30 18.10
N ASN B 280 12.22 -3.58 18.38
CA ASN B 280 12.69 -3.38 19.75
C ASN B 280 12.18 -2.06 20.31
N CYS B 281 11.13 -2.11 21.14
CA CYS B 281 10.51 -0.87 21.63
C CYS B 281 11.44 -0.04 22.52
N LEU B 282 12.49 -0.66 23.07
CA LEU B 282 13.45 0.08 23.91
C LEU B 282 14.63 0.68 23.15
N VAL B 283 14.69 0.48 21.83
CA VAL B 283 15.90 0.82 21.08
C VAL B 283 16.38 2.27 21.28
N LYS B 284 17.63 2.42 21.70
CA LYS B 284 18.21 3.74 21.88
C LYS B 284 18.71 4.24 20.52
N VAL B 285 17.79 4.83 19.75
CA VAL B 285 18.10 5.26 18.37
C VAL B 285 19.18 6.33 18.38
N ALA B 286 20.23 6.11 17.59
CA ALA B 286 21.39 7.00 17.53
C ALA B 286 22.02 7.25 18.90
N ASP B 287 21.98 6.22 19.77
CA ASP B 287 22.51 6.29 21.13
C ASP B 287 23.85 7.04 21.22
N PRO B 288 23.88 8.21 21.87
CA PRO B 288 25.13 8.98 21.89
C PRO B 288 26.25 8.25 22.60
N VAL B 289 25.92 7.46 23.63
CA VAL B 289 26.94 6.68 24.32
C VAL B 289 27.59 5.69 23.36
N PHE B 290 26.77 4.99 22.58
CA PHE B 290 27.25 3.98 21.63
C PHE B 290 28.10 4.63 20.55
N ILE B 291 27.60 5.74 19.99
CA ILE B 291 28.33 6.42 18.92
C ILE B 291 29.64 7.00 19.46
N GLY B 292 29.57 7.65 20.62
CA GLY B 292 30.76 8.22 21.25
C GLY B 292 31.79 7.16 21.57
N PHE B 293 31.34 6.03 22.13
CA PHE B 293 32.19 4.88 22.39
C PHE B 293 32.88 4.35 21.14
N ALA B 294 32.11 4.05 20.11
CA ALA B 294 32.67 3.55 18.85
C ALA B 294 33.66 4.54 18.23
N ALA B 295 33.27 5.82 18.17
CA ALA B 295 34.12 6.85 17.58
C ALA B 295 35.43 7.04 18.34
N SER B 296 35.36 6.96 19.67
N SER B 296 35.37 6.92 19.67
CA SER B 296 36.55 7.08 20.52
CA SER B 296 36.56 7.08 20.54
C SER B 296 37.58 6.01 20.18
C SER B 296 37.57 5.95 20.39
N LYS B 297 37.10 4.80 19.91
CA LYS B 297 37.96 3.65 19.64
C LYS B 297 38.36 3.57 18.17
N GLN B 298 37.83 4.49 17.37
CA GLN B 298 38.08 4.57 15.92
C GLN B 298 37.83 3.23 15.20
N VAL B 299 36.75 2.55 15.60
CA VAL B 299 36.41 1.27 14.99
C VAL B 299 35.68 1.45 13.66
N ASP B 300 35.77 0.42 12.83
CA ASP B 300 34.96 0.33 11.61
C ASP B 300 33.55 -0.10 11.95
N ILE B 301 33.45 -1.04 12.90
CA ILE B 301 32.18 -1.65 13.27
C ILE B 301 32.10 -1.78 14.80
N ALA B 302 30.96 -1.44 15.37
CA ALA B 302 30.66 -1.81 16.76
C ALA B 302 29.28 -2.43 16.83
N THR B 303 29.01 -3.12 17.94
CA THR B 303 27.74 -3.82 18.04
C THR B 303 27.38 -3.97 19.51
N LYS B 304 26.08 -3.99 19.80
CA LYS B 304 25.59 -4.17 21.16
C LYS B 304 25.14 -5.59 21.44
N VAL B 305 25.38 -6.06 22.67
CA VAL B 305 24.88 -7.36 23.12
C VAL B 305 24.24 -7.23 24.50
N VAL B 306 23.40 -8.21 24.85
CA VAL B 306 22.95 -8.37 26.23
C VAL B 306 23.25 -9.81 26.64
N ARG B 307 23.25 -10.07 27.93
CA ARG B 307 23.41 -11.46 28.39
C ARG B 307 22.24 -12.33 27.92
N LYS B 308 22.56 -13.44 27.25
CA LYS B 308 21.56 -14.38 26.77
C LYS B 308 20.67 -14.86 27.92
N ARG B 309 19.36 -14.87 27.66
CA ARG B 309 18.30 -15.19 28.62
C ARG B 309 18.48 -16.60 29.19
N ASN B 310 18.63 -17.55 28.27
CA ASN B 310 18.81 -18.96 28.59
C ASN B 310 19.27 -19.65 27.31
N ALA B 311 19.53 -20.95 27.37
CA ALA B 311 20.13 -21.67 26.24
C ALA B 311 19.32 -21.60 24.94
N THR B 312 18.00 -21.48 25.07
CA THR B 312 17.10 -21.61 23.91
C THR B 312 16.64 -20.28 23.31
N GLU B 313 17.10 -19.15 23.89
CA GLU B 313 16.68 -17.85 23.37
C GLU B 313 17.04 -17.73 21.89
N SER B 314 16.09 -17.25 21.10
CA SER B 314 16.29 -17.15 19.65
C SER B 314 17.07 -15.88 19.33
N VAL B 315 18.35 -15.90 19.67
CA VAL B 315 19.27 -14.78 19.41
C VAL B 315 20.57 -15.30 18.80
N GLY B 316 21.14 -14.53 17.89
CA GLY B 316 22.50 -14.81 17.44
C GLY B 316 23.50 -14.57 18.55
N LEU B 317 24.63 -15.26 18.49
CA LEU B 317 25.66 -15.10 19.51
C LEU B 317 26.94 -14.55 18.91
N ILE B 318 27.41 -13.44 19.49
CA ILE B 318 28.63 -12.79 19.01
C ILE B 318 29.84 -13.40 19.72
N LEU B 319 30.85 -13.74 18.94
CA LEU B 319 31.99 -14.53 19.45
C LEU B 319 33.18 -14.38 18.50
N GLN B 320 34.26 -15.10 18.81
CA GLN B 320 35.43 -15.14 17.94
C GLN B 320 35.47 -16.49 17.27
N LYS B 321 35.38 -16.48 15.94
CA LYS B 321 35.34 -17.71 15.16
C LYS B 321 36.54 -17.70 14.22
N ASN B 322 37.40 -18.72 14.36
CA ASN B 322 38.60 -18.82 13.52
C ASN B 322 39.42 -17.53 13.52
N GLY B 323 39.52 -16.89 14.69
CA GLY B 323 40.30 -15.68 14.87
C GLY B 323 39.64 -14.37 14.55
N LYS B 324 38.37 -14.41 14.13
CA LYS B 324 37.68 -13.23 13.65
C LYS B 324 36.41 -12.94 14.44
N PRO B 325 36.02 -11.64 14.55
CA PRO B 325 34.72 -11.37 15.15
C PRO B 325 33.63 -11.93 14.25
N ASP B 326 32.61 -12.53 14.85
CA ASP B 326 31.61 -13.25 14.08
C ASP B 326 30.35 -13.46 14.91
N VAL B 327 29.32 -13.99 14.26
CA VAL B 327 28.05 -14.31 14.90
C VAL B 327 27.59 -15.69 14.43
N VAL B 328 27.19 -16.53 15.38
CA VAL B 328 26.48 -17.77 15.05
C VAL B 328 24.98 -17.55 15.29
N GLU B 329 24.19 -17.61 14.23
CA GLU B 329 22.75 -17.40 14.35
C GLU B 329 22.09 -18.55 15.10
N TYR B 330 21.01 -18.24 15.82
CA TYR B 330 20.27 -19.23 16.62
C TYR B 330 19.70 -20.39 15.80
N SER B 331 19.45 -20.13 14.51
CA SER B 331 18.90 -21.13 13.59
C SER B 331 19.97 -22.06 13.01
N GLU B 332 21.24 -21.75 13.29
CA GLU B 332 22.36 -22.49 12.70
C GLU B 332 23.32 -23.04 13.75
N ILE B 333 23.06 -22.73 15.02
CA ILE B 333 23.91 -23.20 16.10
C ILE B 333 23.58 -24.66 16.43
N ASP B 334 24.59 -25.45 16.76
CA ASP B 334 24.32 -26.81 17.22
C ASP B 334 24.10 -26.83 18.73
N LYS B 335 23.44 -27.88 19.20
CA LYS B 335 23.08 -28.03 20.61
C LYS B 335 24.30 -27.89 21.54
N GLU B 336 25.40 -28.52 21.15
CA GLU B 336 26.64 -28.50 21.94
C GLU B 336 27.12 -27.08 22.25
N THR B 337 27.14 -26.24 21.21
CA THR B 337 27.60 -24.87 21.33
C THR B 337 26.64 -24.03 22.19
N ALA B 338 25.35 -24.20 21.94
CA ALA B 338 24.32 -23.44 22.66
C ALA B 338 24.29 -23.78 24.14
N GLU B 339 24.59 -25.04 24.46
CA GLU B 339 24.52 -25.49 25.84
C GLU B 339 25.85 -25.45 26.58
N ALA B 340 26.96 -25.27 25.86
CA ALA B 340 28.29 -25.22 26.47
C ALA B 340 28.33 -24.29 27.69
N LYS B 341 28.91 -24.78 28.76
CA LYS B 341 29.00 -24.03 30.00
C LYS B 341 30.40 -23.47 30.22
N ASP B 342 30.49 -22.43 31.03
CA ASP B 342 31.76 -21.83 31.45
C ASP B 342 32.52 -22.82 32.33
N PRO B 343 33.79 -23.12 31.98
CA PRO B 343 34.61 -24.12 32.71
C PRO B 343 34.82 -23.80 34.20
N LYS B 344 34.66 -22.54 34.57
CA LYS B 344 34.79 -22.11 35.97
C LYS B 344 33.44 -21.95 36.70
N GLN B 345 32.41 -21.61 35.94
CA GLN B 345 31.07 -21.40 36.51
C GLN B 345 30.05 -22.27 35.75
N PRO B 346 29.75 -23.47 36.29
CA PRO B 346 29.03 -24.53 35.59
C PRO B 346 27.59 -24.22 35.19
N ASP B 347 27.02 -23.15 35.73
CA ASP B 347 25.65 -22.74 35.40
C ASP B 347 25.61 -21.49 34.51
N VAL B 348 26.77 -21.06 34.03
CA VAL B 348 26.83 -19.91 33.13
C VAL B 348 27.16 -20.40 31.73
N LEU B 349 26.37 -19.94 30.74
CA LEU B 349 26.62 -20.31 29.35
C LEU B 349 27.93 -19.71 28.83
N LYS B 350 28.75 -20.54 28.20
CA LYS B 350 30.03 -20.10 27.65
C LYS B 350 29.80 -19.01 26.59
N PHE B 351 28.82 -19.24 25.73
CA PHE B 351 28.47 -18.29 24.66
C PHE B 351 27.17 -17.60 25.01
N ARG B 352 27.28 -16.38 25.52
CA ARG B 352 26.09 -15.67 26.00
C ARG B 352 26.01 -14.20 25.57
N ALA B 353 26.79 -13.82 24.56
CA ALA B 353 26.73 -12.44 24.05
C ALA B 353 25.67 -12.34 22.96
N ALA B 354 24.44 -12.05 23.39
CA ALA B 354 23.26 -12.10 22.53
C ALA B 354 23.20 -10.85 21.67
N ASN B 355 23.19 -11.06 20.36
CA ASN B 355 23.04 -9.99 19.38
C ASN B 355 21.68 -9.31 19.52
N ILE B 356 21.68 -8.00 19.74
CA ILE B 356 20.43 -7.25 19.78
C ILE B 356 20.23 -6.36 18.54
N VAL B 357 20.98 -6.67 17.48
CA VAL B 357 20.79 -5.98 16.17
C VAL B 357 20.89 -4.46 16.32
N ASN B 358 21.95 -4.05 16.99
CA ASN B 358 22.26 -2.64 17.13
C ASN B 358 23.71 -2.46 16.74
N HIS B 359 23.90 -1.96 15.53
CA HIS B 359 25.21 -1.95 14.92
C HIS B 359 25.63 -0.53 14.62
N TYR B 360 26.95 -0.31 14.71
CA TYR B 360 27.57 0.96 14.35
C TYR B 360 28.50 0.72 13.17
N TYR B 361 28.52 1.65 12.22
CA TYR B 361 29.51 1.64 11.14
C TYR B 361 30.10 3.02 10.98
N SER B 362 31.39 3.09 10.66
CA SER B 362 31.95 4.34 10.16
C SER B 362 31.48 4.50 8.71
N PHE B 363 31.38 5.75 8.24
CA PHE B 363 31.04 5.95 6.83
C PHE B 363 32.09 5.31 5.92
N LYS B 364 33.35 5.42 6.31
CA LYS B 364 34.46 4.83 5.54
C LYS B 364 34.23 3.35 5.23
N PHE B 365 33.65 2.62 6.19
CA PHE B 365 33.30 1.23 5.97
C PHE B 365 32.35 1.04 4.78
N PHE B 366 31.36 1.93 4.64
CA PHE B 366 30.40 1.86 3.53
C PHE B 366 31.05 2.18 2.18
N GLU B 367 32.18 2.88 2.21
CA GLU B 367 32.84 3.29 0.96
C GLU B 367 33.37 2.13 0.13
N SER B 368 33.54 0.96 0.75
CA SER B 368 34.05 -0.22 0.06
C SER B 368 33.00 -1.29 -0.25
N ILE B 369 31.71 -0.96 -0.12
CA ILE B 369 30.65 -1.95 -0.32
C ILE B 369 30.77 -2.72 -1.65
N GLU B 370 31.08 -2.01 -2.73
CA GLU B 370 31.25 -2.64 -4.05
C GLU B 370 32.20 -3.83 -4.03
N LEU B 371 33.22 -3.78 -3.17
CA LEU B 371 34.29 -4.77 -3.17
C LEU B 371 33.91 -6.07 -2.46
N TRP B 372 32.94 -6.02 -1.56
CA TRP B 372 32.63 -7.20 -0.76
C TRP B 372 31.16 -7.61 -0.64
N ALA B 373 30.24 -6.82 -1.20
CA ALA B 373 28.81 -7.17 -1.11
C ALA B 373 28.54 -8.56 -1.67
N HIS B 374 29.25 -8.92 -2.75
CA HIS B 374 29.08 -10.22 -3.40
C HIS B 374 29.64 -11.39 -2.57
N LYS B 375 30.49 -11.09 -1.60
CA LYS B 375 31.09 -12.11 -0.76
C LYS B 375 30.17 -12.62 0.36
N LEU B 376 29.07 -11.91 0.62
CA LEU B 376 28.14 -12.29 1.69
C LEU B 376 27.39 -13.59 1.39
N PRO B 377 27.43 -14.55 2.34
CA PRO B 377 26.78 -15.85 2.19
C PRO B 377 25.27 -15.74 2.07
N HIS B 378 24.67 -16.69 1.38
CA HIS B 378 23.22 -16.82 1.40
C HIS B 378 22.81 -17.92 2.35
N HIS B 379 22.08 -17.52 3.38
CA HIS B 379 21.55 -18.44 4.37
C HIS B 379 20.25 -19.04 3.86
N VAL B 380 20.05 -20.32 4.15
CA VAL B 380 18.95 -21.09 3.58
C VAL B 380 17.86 -21.32 4.61
N ALA B 381 16.65 -20.87 4.30
CA ALA B 381 15.49 -21.12 5.14
C ALA B 381 14.46 -21.98 4.42
N ARG B 382 14.16 -23.13 5.00
CA ARG B 382 13.17 -24.06 4.45
C ARG B 382 11.78 -23.54 4.80
N LYS B 383 10.97 -23.27 3.77
CA LYS B 383 9.66 -22.63 3.98
C LYS B 383 8.52 -23.32 3.26
N LYS B 384 7.30 -23.05 3.73
CA LYS B 384 6.09 -23.37 3.01
C LYS B 384 5.73 -22.15 2.18
N ILE B 385 5.84 -22.28 0.86
CA ILE B 385 5.66 -21.15 -0.04
C ILE B 385 4.47 -21.38 -0.99
N PRO B 386 3.37 -20.62 -0.81
CA PRO B 386 2.21 -20.70 -1.69
C PRO B 386 2.59 -20.47 -3.15
N CYS B 387 2.22 -21.42 -4.00
CA CYS B 387 2.67 -21.43 -5.39
C CYS B 387 1.72 -22.17 -6.32
N ILE B 388 2.00 -22.07 -7.62
CA ILE B 388 1.27 -22.80 -8.65
C ILE B 388 2.03 -24.09 -9.00
N LYS B 389 1.32 -25.21 -8.99
CA LYS B 389 1.91 -26.53 -9.21
C LYS B 389 2.36 -26.71 -10.66
N GLU B 390 3.59 -27.21 -10.83
CA GLU B 390 4.20 -27.42 -12.14
C GLU B 390 3.42 -28.42 -12.98
N PRO B 398 0.94 -24.89 0.42
CA PRO B 398 1.59 -26.17 0.65
C PRO B 398 1.41 -26.63 2.10
N GLU B 399 1.40 -27.95 2.28
CA GLU B 399 1.18 -28.56 3.59
C GLU B 399 2.48 -28.96 4.27
N LYS B 400 3.56 -28.99 3.49
CA LYS B 400 4.90 -29.33 3.97
C LYS B 400 5.85 -28.40 3.23
N PRO B 401 6.98 -28.01 3.87
CA PRO B 401 7.96 -27.16 3.20
C PRO B 401 8.29 -27.61 1.78
N ASN B 402 8.02 -26.74 0.81
CA ASN B 402 8.20 -27.07 -0.61
C ASN B 402 9.38 -26.35 -1.27
N GLY B 403 10.02 -25.43 -0.53
CA GLY B 403 11.07 -24.63 -1.12
C GLY B 403 11.94 -23.89 -0.11
N ILE B 404 12.74 -22.97 -0.62
CA ILE B 404 13.66 -22.22 0.22
C ILE B 404 13.64 -20.73 -0.08
N LYS B 405 13.92 -19.94 0.95
CA LYS B 405 14.25 -18.53 0.81
C LYS B 405 15.73 -18.35 1.13
N LEU B 406 16.41 -17.53 0.33
CA LEU B 406 17.83 -17.24 0.51
C LEU B 406 18.01 -15.84 1.09
N GLU B 407 18.74 -15.76 2.19
CA GLU B 407 18.93 -14.50 2.92
C GLU B 407 20.38 -14.21 3.27
N GLN B 408 20.81 -12.99 3.01
CA GLN B 408 22.10 -12.51 3.52
C GLN B 408 21.83 -11.94 4.91
N PHE B 409 22.82 -12.03 5.79
CA PHE B 409 22.68 -11.53 7.17
C PHE B 409 23.57 -10.31 7.38
N VAL B 410 23.01 -9.28 8.02
CA VAL B 410 23.73 -8.01 8.24
C VAL B 410 25.09 -8.19 8.94
N PHE B 411 25.15 -9.10 9.90
CA PHE B 411 26.38 -9.30 10.67
C PHE B 411 27.47 -10.08 9.96
N ASP B 412 27.21 -10.57 8.75
CA ASP B 412 28.23 -11.35 8.03
C ASP B 412 29.42 -10.52 7.54
N VAL B 413 29.39 -9.21 7.78
CA VAL B 413 30.54 -8.33 7.56
C VAL B 413 31.52 -8.36 8.73
N PHE B 414 31.09 -8.90 9.86
CA PHE B 414 31.96 -8.90 11.05
C PHE B 414 33.33 -9.56 10.76
N PRO B 415 33.34 -10.77 10.15
CA PRO B 415 34.65 -11.42 9.93
C PRO B 415 35.54 -10.74 8.88
N MET B 416 35.01 -9.72 8.20
CA MET B 416 35.80 -8.92 7.25
C MET B 416 36.60 -7.84 7.98
N THR B 417 36.33 -7.69 9.28
CA THR B 417 36.85 -6.59 10.07
C THR B 417 37.90 -7.08 11.07
N PRO B 418 39.06 -6.42 11.13
CA PRO B 418 40.08 -6.79 12.12
C PRO B 418 39.51 -6.63 13.53
N LEU B 419 39.89 -7.51 14.44
CA LEU B 419 39.47 -7.35 15.84
C LEU B 419 39.76 -5.95 16.41
N GLU B 420 40.90 -5.39 16.03
CA GLU B 420 41.29 -4.05 16.51
C GLU B 420 40.41 -2.93 15.94
N LYS B 421 39.64 -3.24 14.90
CA LYS B 421 38.69 -2.30 14.33
C LYS B 421 37.23 -2.69 14.64
N PHE B 422 37.04 -3.53 15.65
CA PHE B 422 35.70 -4.03 16.03
C PHE B 422 35.54 -3.83 17.53
N ALA B 423 34.36 -3.40 17.96
CA ALA B 423 34.08 -3.30 19.41
C ALA B 423 32.70 -3.87 19.72
N CYS B 424 32.63 -4.64 20.81
CA CYS B 424 31.36 -5.20 21.26
C CYS B 424 31.09 -4.66 22.66
N ILE B 425 29.94 -4.04 22.84
CA ILE B 425 29.58 -3.49 24.15
C ILE B 425 28.29 -4.14 24.69
N GLU B 426 28.37 -4.66 25.91
CA GLU B 426 27.25 -5.20 26.63
C GLU B 426 26.41 -4.08 27.23
N VAL B 427 25.10 -4.15 27.02
CA VAL B 427 24.16 -3.18 27.56
C VAL B 427 23.14 -3.91 28.45
N ARG B 428 22.33 -3.12 29.16
CA ARG B 428 21.31 -3.67 30.03
C ARG B 428 20.03 -4.00 29.27
N ARG B 429 19.63 -5.27 29.28
CA ARG B 429 18.42 -5.71 28.58
C ARG B 429 17.19 -4.85 28.95
N GLU B 430 17.02 -4.58 30.24
CA GLU B 430 15.83 -3.87 30.73
C GLU B 430 15.80 -2.40 30.27
N ASP B 431 16.93 -1.91 29.79
CA ASP B 431 16.98 -0.54 29.25
C ASP B 431 17.06 -0.49 27.72
N GLU B 432 17.41 -1.61 27.09
CA GLU B 432 17.86 -1.54 25.70
C GLU B 432 17.30 -2.59 24.75
N PHE B 433 16.67 -3.62 25.29
CA PHE B 433 16.25 -4.73 24.44
C PHE B 433 14.94 -5.36 24.91
N SER B 434 13.89 -5.08 24.16
CA SER B 434 12.58 -5.69 24.38
C SER B 434 11.94 -5.91 23.02
N PRO B 435 12.26 -7.06 22.38
CA PRO B 435 11.81 -7.28 21.01
C PRO B 435 10.35 -7.70 20.90
N LEU B 436 9.70 -7.29 19.82
CA LEU B 436 8.37 -7.75 19.46
C LEU B 436 8.50 -8.82 18.37
N LYS B 437 8.51 -10.09 18.78
CA LYS B 437 8.65 -11.20 17.85
C LYS B 437 7.33 -11.95 17.65
N ASN B 438 6.59 -12.08 18.75
CA ASN B 438 5.44 -12.97 18.84
C ASN B 438 4.15 -12.22 19.09
N ALA B 439 3.03 -12.84 18.74
CA ALA B 439 1.72 -12.25 18.99
C ALA B 439 1.32 -12.32 20.47
N ARG B 440 0.38 -11.46 20.85
CA ARG B 440 -0.25 -11.52 22.18
C ARG B 440 -0.72 -12.94 22.49
N GLY B 441 -0.53 -13.35 23.74
CA GLY B 441 -0.88 -14.71 24.18
C GLY B 441 0.33 -15.63 24.28
N THR B 442 1.49 -15.14 23.87
CA THR B 442 2.73 -15.92 23.95
C THR B 442 3.35 -15.86 25.34
N GLY B 443 3.42 -14.64 25.90
CA GLY B 443 4.01 -14.41 27.21
C GLY B 443 5.50 -14.08 27.16
N GLU B 444 6.03 -13.97 25.94
CA GLU B 444 7.47 -13.75 25.74
C GLU B 444 7.69 -13.01 24.43
N ASP B 445 8.51 -11.96 24.48
CA ASP B 445 8.85 -11.17 23.29
C ASP B 445 7.60 -10.82 22.48
N ASP B 446 6.59 -10.31 23.16
CA ASP B 446 5.30 -10.02 22.54
C ASP B 446 4.84 -8.60 22.91
N PRO B 447 3.63 -8.18 22.49
CA PRO B 447 3.23 -6.81 22.81
C PRO B 447 3.14 -6.51 24.30
N ASP B 448 2.78 -7.50 25.11
CA ASP B 448 2.63 -7.30 26.55
C ASP B 448 3.97 -7.21 27.31
N THR B 449 4.95 -8.02 26.93
CA THR B 449 6.29 -7.90 27.50
C THR B 449 6.91 -6.57 27.07
N SER B 450 6.62 -6.17 25.83
CA SER B 450 7.10 -4.88 25.30
C SER B 450 6.55 -3.72 26.13
N LYS B 451 5.24 -3.68 26.28
CA LYS B 451 4.56 -2.64 27.07
C LYS B 451 5.10 -2.59 28.51
N ARG B 452 5.19 -3.76 29.15
CA ARG B 452 5.69 -3.86 30.52
C ARG B 452 7.09 -3.28 30.66
N ASP B 453 7.96 -3.60 29.70
CA ASP B 453 9.35 -3.13 29.73
C ASP B 453 9.47 -1.61 29.60
N ILE B 454 8.70 -1.04 28.67
CA ILE B 454 8.64 0.42 28.48
C ILE B 454 8.14 1.13 29.73
N MET B 455 7.05 0.62 30.29
CA MET B 455 6.43 1.31 31.41
C MET B 455 7.20 1.08 32.71
N SER B 456 7.87 -0.07 32.82
CA SER B 456 8.80 -0.32 33.93
C SER B 456 9.95 0.67 33.87
N GLN B 457 10.51 0.86 32.67
CA GLN B 457 11.61 1.79 32.48
C GLN B 457 11.22 3.22 32.80
N GLY B 458 10.04 3.65 32.34
CA GLY B 458 9.53 4.99 32.64
C GLY B 458 9.40 5.24 34.14
N GLN B 459 8.86 4.26 34.86
CA GLN B 459 8.72 4.37 36.31
C GLN B 459 10.08 4.52 36.98
N ARG B 460 11.04 3.69 36.56
CA ARG B 460 12.41 3.75 37.09
C ARG B 460 13.06 5.12 36.89
N TRP B 461 12.87 5.70 35.70
CA TRP B 461 13.38 7.03 35.40
C TRP B 461 12.77 8.09 36.31
N ILE B 462 11.46 8.01 36.51
CA ILE B 462 10.74 8.95 37.36
C ILE B 462 11.19 8.83 38.81
N GLU B 463 11.36 7.59 39.28
CA GLU B 463 11.82 7.34 40.65
C GLU B 463 13.23 7.85 40.90
N LYS B 464 14.12 7.66 39.92
CA LYS B 464 15.48 8.19 40.01
C LYS B 464 15.48 9.73 40.11
N ALA B 465 14.53 10.36 39.41
CA ALA B 465 14.40 11.82 39.41
C ALA B 465 13.69 12.38 40.65
N GLY B 466 13.25 11.50 41.54
CA GLY B 466 12.62 11.92 42.79
C GLY B 466 11.10 11.93 42.79
N GLY B 467 10.50 11.51 41.67
CA GLY B 467 9.05 11.34 41.59
C GLY B 467 8.59 10.14 42.40
N ILE B 468 7.35 10.17 42.88
CA ILE B 468 6.79 9.06 43.63
C ILE B 468 5.65 8.41 42.84
N VAL B 469 5.83 7.14 42.49
CA VAL B 469 4.84 6.44 41.67
C VAL B 469 3.95 5.56 42.55
N ILE B 470 2.66 5.88 42.56
CA ILE B 470 1.66 5.16 43.34
C ILE B 470 0.93 4.16 42.45
N THR B 471 0.95 2.89 42.85
CA THR B 471 0.29 1.83 42.09
C THR B 471 -0.78 1.16 42.95
N GLU B 472 -2.04 1.33 42.55
CA GLU B 472 -3.19 0.77 43.27
C GLU B 472 -3.66 -0.54 42.62
N VAL B 476 0.59 -1.52 35.85
CA VAL B 476 1.75 -0.94 36.52
C VAL B 476 2.62 -0.08 35.57
N GLY B 477 3.48 0.74 36.15
CA GLY B 477 4.45 1.50 35.38
C GLY B 477 3.95 2.83 34.83
N VAL B 478 4.86 3.54 34.18
CA VAL B 478 4.55 4.87 33.62
C VAL B 478 5.21 4.98 32.25
N GLU B 479 4.46 5.46 31.26
CA GLU B 479 5.02 5.77 29.96
C GLU B 479 5.59 7.18 29.95
N VAL B 480 6.88 7.32 29.62
CA VAL B 480 7.50 8.63 29.48
C VAL B 480 7.76 8.88 27.99
N SER B 481 7.15 9.94 27.45
CA SER B 481 7.35 10.29 26.03
C SER B 481 8.82 10.55 25.75
N PRO B 482 9.35 10.06 24.59
CA PRO B 482 10.73 10.44 24.27
C PRO B 482 10.89 11.96 24.13
N LEU B 483 9.81 12.67 23.80
CA LEU B 483 9.89 14.14 23.68
C LEU B 483 10.13 14.81 25.04
N ILE B 484 9.77 14.11 26.11
CA ILE B 484 10.08 14.57 27.47
C ILE B 484 11.48 14.09 27.90
N SER B 485 11.79 12.82 27.66
CA SER B 485 13.06 12.25 28.09
C SER B 485 13.55 11.19 27.09
N TYR B 486 14.73 11.41 26.52
CA TYR B 486 15.34 10.40 25.65
C TYR B 486 15.79 9.16 26.44
N GLY B 487 16.47 9.39 27.56
CA GLY B 487 17.12 8.32 28.30
C GLY B 487 17.10 8.43 29.80
N GLY B 488 16.14 9.19 30.34
CA GLY B 488 16.05 9.40 31.79
C GLY B 488 16.37 10.81 32.26
N GLU B 489 16.92 11.62 31.36
CA GLU B 489 17.25 13.01 31.66
C GLU B 489 16.02 13.92 31.57
N GLY B 490 16.09 15.09 32.22
CA GLY B 490 15.07 16.12 32.05
C GLY B 490 13.77 15.87 32.80
N LEU B 491 13.83 15.04 33.84
CA LEU B 491 12.64 14.72 34.63
C LEU B 491 12.65 15.40 36.00
N GLU B 492 13.56 16.37 36.16
CA GLU B 492 13.68 17.15 37.39
C GLU B 492 12.35 17.74 37.85
N PHE B 493 11.53 18.17 36.89
CA PHE B 493 10.24 18.78 37.18
C PHE B 493 9.27 17.87 37.96
N LEU B 494 9.56 16.58 37.96
CA LEU B 494 8.73 15.58 38.65
C LEU B 494 9.16 15.27 40.08
N LYS B 495 10.28 15.82 40.52
CA LYS B 495 10.76 15.60 41.88
C LYS B 495 9.70 16.04 42.89
N GLY B 496 9.35 15.12 43.80
CA GLY B 496 8.35 15.40 44.83
C GLY B 496 6.92 15.11 44.41
N ARG B 497 6.67 14.99 43.11
CA ARG B 497 5.32 14.75 42.61
C ARG B 497 4.88 13.30 42.79
N GLU B 498 3.63 13.13 43.22
CA GLU B 498 3.02 11.81 43.26
C GLU B 498 2.34 11.54 41.92
N ILE B 499 2.63 10.37 41.36
CA ILE B 499 2.12 9.98 40.04
C ILE B 499 1.41 8.64 40.13
N LYS B 500 0.18 8.60 39.65
CA LYS B 500 -0.66 7.41 39.77
C LYS B 500 -0.50 6.49 38.57
N ALA B 501 0.07 5.31 38.79
CA ALA B 501 0.24 4.31 37.72
C ALA B 501 -1.09 3.59 37.44
N PRO B 502 -1.38 3.29 36.15
CA PRO B 502 -0.57 3.65 34.97
C PRO B 502 -0.75 5.11 34.57
N ALA B 503 0.31 5.71 34.05
CA ALA B 503 0.29 7.11 33.67
C ALA B 503 1.12 7.34 32.42
N PHE B 504 1.00 8.55 31.86
CA PHE B 504 1.68 8.94 30.64
C PHE B 504 2.16 10.37 30.83
N ILE B 505 3.48 10.55 30.73
CA ILE B 505 4.10 11.86 30.83
C ILE B 505 4.44 12.34 29.42
N GLU B 506 3.73 13.34 28.94
CA GLU B 506 3.91 13.86 27.57
C GLU B 506 4.19 15.35 27.56
N LYS B 507 4.76 15.84 26.46
CA LYS B 507 5.03 17.27 26.23
C LYS B 507 3.74 18.07 26.18
#